data_6G7N
#
_entry.id   6G7N
#
_cell.length_a   56.220
_cell.length_b   83.190
_cell.length_c   65.160
_cell.angle_alpha   90.000
_cell.angle_beta   95.250
_cell.angle_gamma   90.000
#
_symmetry.space_group_name_H-M   'P 1 21 1'
#
loop_
_entity.id
_entity.type
_entity.pdbx_description
1 polymer 'Extracellular solute-binding protein, family 1'
2 non-polymer D-ALANINE
3 non-polymer 'D-GLUTAMIC ACID'
4 non-polymer 'FE (III) ION'
5 water water
#
_entity_poly.entity_id   1
_entity_poly.type   'polypeptide(L)'
_entity_poly.pdbx_seq_one_letter_code
;GAINLYSSRHYDTDQALYDSFTKKTGLKVNLIEGKGDKLIERIKSEGANSPADVFMTVDAGRLWRAQEAGILQPISSSTL
NNKIPANLRSPEKLWFGFSKRARVIMYNKNKVQPSELSTYEDLAQNKWKGKIVIRSSSNIYNQSLIASLIEIHGMSDAEG
WAKGFVRNFARPPEGNDTAQIKAVAAGIGDIGLANSYYLARLKRSSKPEDQAVADKVGMFFPNQNGRGTHVNISGGGVVK
NAPNKEGAIKFLEYLVSPEAQKIFSEGNNEYPVVAGVPIASVLKPFGSFKNDSTNVSVYGKLNADAIKLMDRVGWKLE
;
_entity_poly.pdbx_strand_id   A,B
#
loop_
_chem_comp.id
_chem_comp.type
_chem_comp.name
_chem_comp.formula
FE non-polymer 'FE (III) ION' 'Fe 3'
#
# COMPACT_ATOMS: atom_id res chain seq x y z
N GLY A 1 17.06 -32.79 5.66
CA GLY A 1 17.52 -32.39 4.30
C GLY A 1 16.43 -32.12 3.27
N ALA A 2 15.22 -31.84 3.73
CA ALA A 2 14.11 -31.56 2.84
C ALA A 2 13.12 -30.64 3.48
N ILE A 3 12.28 -30.06 2.63
CA ILE A 3 11.08 -29.39 3.08
C ILE A 3 9.85 -30.04 2.40
N ASN A 4 8.72 -29.99 3.10
CA ASN A 4 7.47 -30.47 2.56
C ASN A 4 6.59 -29.28 2.18
N LEU A 5 6.43 -29.12 0.87
CA LEU A 5 5.64 -28.03 0.27
C LEU A 5 4.24 -28.54 -0.04
N TYR A 6 3.24 -28.02 0.67
CA TYR A 6 1.81 -28.31 0.40
C TYR A 6 1.31 -27.14 -0.45
N SER A 7 1.01 -27.39 -1.71
CA SER A 7 0.66 -26.30 -2.65
C SER A 7 -0.49 -26.67 -3.55
N SER A 8 -1.36 -25.68 -3.77
CA SER A 8 -2.37 -25.76 -4.84
C SER A 8 -1.96 -25.03 -6.13
N ARG A 9 -0.76 -24.45 -6.13
CA ARG A 9 -0.30 -23.45 -7.11
C ARG A 9 0.87 -23.95 -7.96
N HIS A 10 1.20 -25.24 -7.85
CA HIS A 10 2.31 -25.80 -8.61
C HIS A 10 1.93 -25.91 -10.10
N TYR A 11 2.86 -25.48 -10.96
CA TYR A 11 2.86 -25.77 -12.40
C TYR A 11 4.14 -26.54 -12.71
N ASP A 12 4.14 -27.34 -13.79
CA ASP A 12 5.29 -28.20 -14.15
CA ASP A 12 5.30 -28.21 -14.06
C ASP A 12 6.61 -27.44 -14.24
N THR A 13 6.53 -26.23 -14.78
CA THR A 13 7.70 -25.40 -14.93
C THR A 13 8.34 -25.01 -13.58
N ASP A 14 7.60 -25.14 -12.48
CA ASP A 14 8.15 -24.85 -11.16
C ASP A 14 9.19 -25.87 -10.71
N GLN A 15 9.25 -27.03 -11.35
CA GLN A 15 10.36 -27.97 -11.03
C GLN A 15 11.76 -27.33 -11.19
N ALA A 16 11.90 -26.38 -12.11
CA ALA A 16 13.17 -25.63 -12.26
C ALA A 16 13.52 -24.81 -11.01
N LEU A 17 12.49 -24.26 -10.38
CA LEU A 17 12.69 -23.52 -9.19
CA LEU A 17 12.61 -23.54 -9.09
C LEU A 17 13.11 -24.47 -8.05
N TYR A 18 12.44 -25.62 -7.93
CA TYR A 18 12.78 -26.52 -6.83
C TYR A 18 14.22 -27.01 -7.01
N ASP A 19 14.58 -27.36 -8.23
CA ASP A 19 15.93 -27.87 -8.50
C ASP A 19 17.02 -26.83 -8.24
N SER A 20 16.76 -25.57 -8.59
CA SER A 20 17.71 -24.50 -8.29
C SER A 20 17.83 -24.29 -6.79
N PHE A 21 16.69 -24.27 -6.10
CA PHE A 21 16.69 -24.20 -4.63
C PHE A 21 17.56 -25.31 -4.03
N THR A 22 17.40 -26.53 -4.51
CA THR A 22 18.19 -27.63 -3.98
C THR A 22 19.70 -27.44 -4.25
N LYS A 23 20.02 -26.97 -5.43
CA LYS A 23 21.46 -26.67 -5.76
CA LYS A 23 21.40 -26.65 -5.79
C LYS A 23 22.04 -25.61 -4.79
N LYS A 24 21.24 -24.60 -4.50
CA LYS A 24 21.69 -23.49 -3.65
C LYS A 24 21.74 -23.78 -2.17
N THR A 25 20.86 -24.65 -1.69
CA THR A 25 20.66 -24.88 -0.25
C THR A 25 20.92 -26.29 0.23
N GLY A 26 20.95 -27.25 -0.68
CA GLY A 26 21.05 -28.64 -0.32
C GLY A 26 19.73 -29.30 0.04
N LEU A 27 18.63 -28.57 0.07
CA LEU A 27 17.36 -29.09 0.56
C LEU A 27 16.49 -29.55 -0.59
N LYS A 28 16.00 -30.79 -0.52
CA LYS A 28 15.02 -31.31 -1.46
C LYS A 28 13.66 -30.69 -1.15
N VAL A 29 12.86 -30.55 -2.20
CA VAL A 29 11.47 -30.12 -2.09
C VAL A 29 10.55 -31.30 -2.35
N ASN A 30 9.80 -31.73 -1.32
CA ASN A 30 8.79 -32.76 -1.45
C ASN A 30 7.46 -32.06 -1.67
N LEU A 31 6.83 -32.28 -2.82
CA LEU A 31 5.59 -31.63 -3.20
C LEU A 31 4.37 -32.47 -2.84
N ILE A 32 3.43 -31.87 -2.10
CA ILE A 32 2.12 -32.42 -1.82
C ILE A 32 1.11 -31.47 -2.43
N GLU A 33 0.28 -31.95 -3.34
CA GLU A 33 -0.69 -31.11 -3.98
C GLU A 33 -2.10 -31.33 -3.49
N GLY A 34 -2.95 -30.34 -3.77
CA GLY A 34 -4.36 -30.42 -3.47
C GLY A 34 -5.01 -29.10 -3.78
N LYS A 35 -6.34 -29.03 -3.73
CA LYS A 35 -7.01 -27.75 -3.87
C LYS A 35 -6.76 -26.96 -2.58
N GLY A 36 -6.74 -25.64 -2.69
CA GLY A 36 -6.35 -24.78 -1.56
C GLY A 36 -7.12 -25.02 -0.27
N ASP A 37 -8.46 -25.05 -0.36
CA ASP A 37 -9.25 -25.21 0.86
C ASP A 37 -9.13 -26.61 1.45
N LYS A 38 -8.93 -27.60 0.57
CA LYS A 38 -8.69 -28.97 0.99
C LYS A 38 -7.35 -29.14 1.68
N LEU A 39 -6.33 -28.44 1.20
CA LEU A 39 -5.02 -28.46 1.88
C LEU A 39 -5.07 -27.82 3.24
N ILE A 40 -5.82 -26.72 3.39
CA ILE A 40 -5.97 -26.08 4.71
C ILE A 40 -6.59 -27.08 5.67
N GLU A 41 -7.67 -27.73 5.23
CA GLU A 41 -8.36 -28.72 6.02
C GLU A 41 -7.43 -29.88 6.36
N ARG A 42 -6.65 -30.34 5.39
CA ARG A 42 -5.69 -31.42 5.65
C ARG A 42 -4.65 -31.06 6.70
N ILE A 43 -4.04 -29.87 6.58
CA ILE A 43 -3.05 -29.45 7.56
C ILE A 43 -3.71 -29.27 8.95
N LYS A 44 -4.88 -28.66 8.99
CA LYS A 44 -5.57 -28.43 10.26
C LYS A 44 -5.82 -29.78 10.95
N SER A 45 -6.28 -30.75 10.19
CA SER A 45 -6.62 -32.06 10.73
C SER A 45 -5.38 -32.87 11.15
N GLU A 46 -4.28 -32.74 10.40
CA GLU A 46 -3.00 -33.37 10.75
C GLU A 46 -2.44 -32.76 12.04
N GLY A 47 -2.77 -31.49 12.31
CA GLY A 47 -2.42 -30.83 13.57
C GLY A 47 -0.94 -30.82 13.86
N ALA A 48 -0.60 -31.09 15.11
CA ALA A 48 0.79 -31.15 15.53
C ALA A 48 1.57 -32.30 14.86
N ASN A 49 0.87 -33.26 14.24
CA ASN A 49 1.53 -34.35 13.51
C ASN A 49 1.78 -34.01 12.04
N SER A 50 1.39 -32.82 11.58
CA SER A 50 1.57 -32.52 10.16
C SER A 50 3.05 -32.39 9.75
N PRO A 51 3.45 -33.05 8.65
CA PRO A 51 4.81 -32.81 8.13
C PRO A 51 4.95 -31.52 7.32
N ALA A 52 3.86 -30.80 7.06
CA ALA A 52 3.94 -29.63 6.19
C ALA A 52 4.89 -28.58 6.73
N ASP A 53 5.75 -28.06 5.84
CA ASP A 53 6.67 -26.96 6.15
C ASP A 53 6.22 -25.64 5.57
N VAL A 54 5.81 -25.66 4.30
CA VAL A 54 5.36 -24.45 3.56
C VAL A 54 4.00 -24.76 2.98
N PHE A 55 3.09 -23.79 3.06
CA PHE A 55 1.76 -23.86 2.43
C PHE A 55 1.72 -22.74 1.38
N MET A 56 1.33 -23.10 0.15
CA MET A 56 1.15 -22.13 -0.92
C MET A 56 -0.20 -22.30 -1.59
N THR A 57 -0.81 -21.18 -1.97
CA THR A 57 -2.10 -21.20 -2.65
C THR A 57 -2.29 -19.88 -3.38
N VAL A 58 -3.46 -19.71 -3.99
N VAL A 58 -3.48 -19.70 -3.92
CA VAL A 58 -3.82 -18.43 -4.61
CA VAL A 58 -3.85 -18.49 -4.63
C VAL A 58 -4.94 -17.74 -3.85
C VAL A 58 -4.95 -17.76 -3.87
N ASP A 59 -4.85 -16.42 -3.89
CA ASP A 59 -5.80 -15.44 -3.36
C ASP A 59 -5.56 -15.14 -1.90
N ALA A 60 -5.41 -13.85 -1.59
CA ALA A 60 -5.25 -13.47 -0.20
C ALA A 60 -6.46 -13.91 0.63
N GLY A 61 -7.65 -14.03 0.04
CA GLY A 61 -8.78 -14.56 0.80
C GLY A 61 -8.54 -15.96 1.33
N ARG A 62 -7.90 -16.83 0.53
N ARG A 62 -7.89 -16.81 0.55
CA ARG A 62 -7.58 -18.21 0.99
CA ARG A 62 -7.59 -18.16 0.97
C ARG A 62 -6.44 -18.20 2.00
C ARG A 62 -6.44 -18.19 1.98
N LEU A 63 -5.44 -17.34 1.80
CA LEU A 63 -4.35 -17.22 2.77
C LEU A 63 -4.88 -16.75 4.13
N TRP A 64 -5.82 -15.83 4.09
CA TRP A 64 -6.48 -15.38 5.31
CA TRP A 64 -6.44 -15.41 5.37
C TRP A 64 -7.24 -16.56 6.05
N ARG A 65 -7.92 -17.33 5.23
CA ARG A 65 -8.60 -18.54 5.81
CA ARG A 65 -8.60 -18.52 5.75
C ARG A 65 -7.58 -19.50 6.46
N ALA A 66 -6.40 -19.66 5.84
CA ALA A 66 -5.33 -20.47 6.44
C ALA A 66 -4.89 -19.88 7.77
N GLN A 67 -4.70 -18.56 7.77
CA GLN A 67 -4.30 -17.88 9.01
C GLN A 67 -5.33 -18.09 10.12
N GLU A 68 -6.60 -17.94 9.77
CA GLU A 68 -7.67 -18.13 10.78
C GLU A 68 -7.82 -19.59 11.27
N ALA A 69 -7.44 -20.54 10.41
CA ALA A 69 -7.42 -21.94 10.81
C ALA A 69 -6.26 -22.24 11.77
N GLY A 70 -5.31 -21.31 11.95
CA GLY A 70 -4.21 -21.48 12.88
C GLY A 70 -3.09 -22.32 12.34
N ILE A 71 -3.00 -22.48 11.01
CA ILE A 71 -1.99 -23.37 10.46
C ILE A 71 -0.68 -22.70 10.05
N LEU A 72 -0.56 -21.38 10.30
CA LEU A 72 0.64 -20.64 9.90
C LEU A 72 1.36 -20.08 11.12
N GLN A 73 2.66 -19.81 10.99
CA GLN A 73 3.43 -19.12 12.00
C GLN A 73 4.10 -17.88 11.41
N PRO A 74 4.25 -16.83 12.24
CA PRO A 74 4.81 -15.58 11.70
C PRO A 74 6.31 -15.66 11.46
N ILE A 75 6.77 -15.03 10.39
CA ILE A 75 8.16 -15.00 9.99
C ILE A 75 8.63 -13.58 9.81
N SER A 76 9.76 -13.24 10.46
CA SER A 76 10.37 -11.93 10.31
CA SER A 76 10.43 -11.93 10.34
C SER A 76 11.69 -12.07 9.56
N SER A 77 11.70 -11.61 8.32
CA SER A 77 12.84 -11.70 7.41
C SER A 77 13.04 -10.38 6.73
N SER A 78 14.25 -9.82 6.85
CA SER A 78 14.59 -8.60 6.13
C SER A 78 14.41 -8.80 4.62
N THR A 79 14.82 -9.96 4.11
CA THR A 79 14.69 -10.23 2.70
C THR A 79 13.22 -10.23 2.24
N LEU A 80 12.36 -10.94 2.96
CA LEU A 80 10.95 -10.95 2.57
C LEU A 80 10.33 -9.56 2.66
N ASN A 81 10.62 -8.84 3.76
CA ASN A 81 9.96 -7.58 3.96
C ASN A 81 10.44 -6.53 2.99
N ASN A 82 11.74 -6.51 2.73
CA ASN A 82 12.27 -5.52 1.79
C ASN A 82 11.82 -5.79 0.35
N LYS A 83 11.86 -7.04 -0.06
CA LYS A 83 11.58 -7.38 -1.44
C LYS A 83 10.09 -7.49 -1.78
N ILE A 84 9.24 -7.86 -0.82
CA ILE A 84 7.81 -8.00 -1.10
C ILE A 84 7.14 -6.71 -0.68
N PRO A 85 6.41 -6.03 -1.61
CA PRO A 85 5.71 -4.82 -1.23
C PRO A 85 4.80 -5.06 -0.02
N ALA A 86 4.72 -4.06 0.88
CA ALA A 86 3.95 -4.21 2.10
C ALA A 86 2.51 -4.58 1.86
N ASN A 87 1.91 -4.05 0.79
CA ASN A 87 0.51 -4.33 0.49
C ASN A 87 0.25 -5.76 0.08
N LEU A 88 1.30 -6.51 -0.30
CA LEU A 88 1.19 -7.86 -0.80
C LEU A 88 1.64 -8.91 0.23
N ARG A 89 1.75 -8.51 1.51
CA ARG A 89 2.08 -9.48 2.56
C ARG A 89 1.22 -9.20 3.78
N SER A 90 1.01 -10.25 4.57
CA SER A 90 0.20 -10.15 5.78
C SER A 90 0.79 -9.11 6.73
N PRO A 91 -0.02 -8.21 7.29
CA PRO A 91 0.50 -7.30 8.34
C PRO A 91 1.07 -8.03 9.55
N GLU A 92 0.61 -9.26 9.78
CA GLU A 92 1.07 -10.08 10.92
C GLU A 92 2.17 -11.05 10.52
N LYS A 93 2.65 -10.98 9.28
CA LYS A 93 3.79 -11.78 8.83
C LYS A 93 3.50 -13.27 8.76
N LEU A 94 2.23 -13.60 8.56
CA LEU A 94 1.79 -15.00 8.47
C LEU A 94 1.88 -15.59 7.07
N TRP A 95 1.86 -14.74 6.04
CA TRP A 95 1.91 -15.17 4.67
C TRP A 95 2.36 -14.00 3.83
N PHE A 96 2.74 -14.34 2.60
CA PHE A 96 3.47 -13.41 1.72
C PHE A 96 3.08 -13.71 0.28
N GLY A 97 2.93 -12.65 -0.52
CA GLY A 97 2.77 -12.82 -1.95
C GLY A 97 4.08 -13.01 -2.69
N PHE A 98 4.03 -13.92 -3.68
CA PHE A 98 5.18 -14.21 -4.52
C PHE A 98 4.93 -13.96 -6.00
N SER A 99 3.68 -13.93 -6.45
CA SER A 99 3.33 -13.38 -7.78
C SER A 99 2.00 -12.64 -7.62
N LYS A 100 1.71 -11.81 -8.61
CA LYS A 100 0.58 -10.90 -8.56
C LYS A 100 -0.28 -11.04 -9.80
N ARG A 101 -1.59 -10.95 -9.58
CA ARG A 101 -2.61 -10.95 -10.64
C ARG A 101 -3.47 -9.70 -10.46
N ALA A 102 -4.12 -9.28 -11.53
CA ALA A 102 -5.07 -8.14 -11.49
C ALA A 102 -6.43 -8.61 -11.94
N ARG A 103 -7.49 -8.14 -11.26
CA ARG A 103 -8.85 -8.46 -11.70
C ARG A 103 -9.32 -7.26 -12.52
N VAL A 104 -9.45 -7.51 -13.83
CA VAL A 104 -9.55 -6.45 -14.83
C VAL A 104 -10.85 -6.55 -15.60
N ILE A 105 -11.11 -5.48 -16.37
CA ILE A 105 -12.25 -5.48 -17.31
C ILE A 105 -11.75 -6.02 -18.63
N MET A 106 -12.32 -7.15 -19.05
CA MET A 106 -12.10 -7.72 -20.39
C MET A 106 -13.18 -7.15 -21.30
N TYR A 107 -12.79 -6.63 -22.47
CA TYR A 107 -13.78 -5.96 -23.33
C TYR A 107 -13.68 -6.44 -24.77
N ASN A 108 -14.83 -6.50 -25.43
CA ASN A 108 -14.88 -6.86 -26.85
C ASN A 108 -14.37 -5.66 -27.65
N LYS A 109 -13.27 -5.85 -28.37
CA LYS A 109 -12.63 -4.74 -29.08
C LYS A 109 -13.49 -4.13 -30.19
N ASN A 110 -14.35 -4.94 -30.80
CA ASN A 110 -15.27 -4.47 -31.83
CA ASN A 110 -15.27 -4.46 -31.84
C ASN A 110 -16.36 -3.58 -31.24
N LYS A 111 -16.87 -3.94 -30.05
CA LYS A 111 -18.06 -3.29 -29.50
CA LYS A 111 -18.02 -3.30 -29.49
C LYS A 111 -17.75 -2.17 -28.50
N VAL A 112 -16.55 -2.19 -27.89
CA VAL A 112 -16.22 -1.32 -26.78
C VAL A 112 -14.87 -0.64 -27.02
N GLN A 113 -14.88 0.70 -27.02
CA GLN A 113 -13.64 1.48 -27.05
C GLN A 113 -13.16 1.66 -25.62
N PRO A 114 -11.84 1.60 -25.37
CA PRO A 114 -11.35 1.78 -23.97
C PRO A 114 -11.76 3.11 -23.34
N SER A 115 -12.02 4.14 -24.15
CA SER A 115 -12.54 5.41 -23.65
C SER A 115 -13.89 5.29 -22.92
N GLU A 116 -14.62 4.20 -23.18
CA GLU A 116 -15.90 3.94 -22.49
C GLU A 116 -15.74 3.36 -21.11
N LEU A 117 -14.53 2.97 -20.76
CA LEU A 117 -14.24 2.32 -19.48
C LEU A 117 -13.53 3.28 -18.53
N SER A 118 -13.68 3.03 -17.23
CA SER A 118 -13.04 3.88 -16.23
C SER A 118 -12.78 3.11 -14.95
N THR A 119 -13.84 2.84 -14.19
CA THR A 119 -13.74 2.30 -12.85
C THR A 119 -14.59 1.04 -12.68
N TYR A 120 -14.33 0.31 -11.59
CA TYR A 120 -15.24 -0.75 -11.18
C TYR A 120 -16.62 -0.18 -10.88
N GLU A 121 -16.66 1.00 -10.25
CA GLU A 121 -17.90 1.62 -9.83
C GLU A 121 -18.81 1.89 -11.01
N ASP A 122 -18.23 2.31 -12.14
CA ASP A 122 -18.98 2.64 -13.35
C ASP A 122 -19.73 1.45 -13.92
N LEU A 123 -19.32 0.23 -13.57
CA LEU A 123 -19.97 -0.97 -14.10
C LEU A 123 -21.41 -1.16 -13.59
N ALA A 124 -21.82 -0.40 -12.58
CA ALA A 124 -23.21 -0.43 -12.12
C ALA A 124 -24.12 0.53 -12.87
N GLN A 125 -23.58 1.33 -13.78
CA GLN A 125 -24.38 2.29 -14.51
C GLN A 125 -25.30 1.59 -15.51
N ASN A 126 -26.45 2.22 -15.77
CA ASN A 126 -27.50 1.67 -16.65
CA ASN A 126 -27.46 1.62 -16.63
C ASN A 126 -27.02 1.37 -18.06
N LYS A 127 -26.04 2.12 -18.56
CA LYS A 127 -25.52 1.93 -19.89
C LYS A 127 -24.99 0.51 -20.13
N TRP A 128 -24.64 -0.23 -19.08
CA TRP A 128 -24.13 -1.59 -19.23
C TRP A 128 -25.21 -2.66 -19.14
N LYS A 129 -26.48 -2.27 -19.13
CA LYS A 129 -27.55 -3.27 -18.98
C LYS A 129 -27.48 -4.29 -20.11
N GLY A 130 -27.54 -5.57 -19.74
CA GLY A 130 -27.51 -6.67 -20.70
C GLY A 130 -26.14 -6.96 -21.27
N LYS A 131 -25.08 -6.34 -20.73
CA LYS A 131 -23.77 -6.36 -21.38
C LYS A 131 -22.65 -7.04 -20.59
N ILE A 132 -22.88 -7.39 -19.33
CA ILE A 132 -21.76 -7.84 -18.46
C ILE A 132 -21.83 -9.34 -18.27
N VAL A 133 -20.68 -10.03 -18.41
CA VAL A 133 -20.56 -11.43 -18.02
C VAL A 133 -19.52 -11.55 -16.88
N ILE A 134 -19.86 -12.38 -15.90
CA ILE A 134 -18.98 -12.65 -14.77
C ILE A 134 -19.39 -14.00 -14.18
N ARG A 135 -18.42 -14.69 -13.58
CA ARG A 135 -18.69 -15.99 -12.95
C ARG A 135 -19.40 -15.85 -11.61
N SER A 136 -19.71 -16.98 -11.01
CA SER A 136 -20.55 -17.04 -9.81
C SER A 136 -19.92 -16.39 -8.59
N SER A 137 -20.76 -16.19 -7.59
CA SER A 137 -20.34 -15.64 -6.32
C SER A 137 -19.60 -16.61 -5.43
N SER A 138 -19.54 -17.88 -5.83
CA SER A 138 -18.75 -18.89 -5.11
C SER A 138 -17.25 -18.69 -5.31
N ASN A 139 -16.86 -17.95 -6.33
CA ASN A 139 -15.46 -17.82 -6.69
C ASN A 139 -14.74 -16.80 -5.80
N ILE A 140 -13.58 -17.22 -5.28
CA ILE A 140 -12.80 -16.38 -4.36
C ILE A 140 -12.33 -15.07 -4.99
N TYR A 141 -12.02 -15.08 -6.30
CA TYR A 141 -11.56 -13.84 -6.91
C TYR A 141 -12.63 -12.74 -6.81
N ASN A 142 -13.87 -13.14 -7.10
CA ASN A 142 -14.99 -12.23 -7.01
C ASN A 142 -15.26 -11.81 -5.55
N GLN A 143 -15.20 -12.76 -4.62
CA GLN A 143 -15.38 -12.43 -3.22
C GLN A 143 -14.36 -11.39 -2.78
N SER A 144 -13.11 -11.55 -3.22
CA SER A 144 -12.06 -10.62 -2.83
C SER A 144 -12.26 -9.22 -3.44
N LEU A 145 -12.69 -9.18 -4.71
CA LEU A 145 -12.98 -7.89 -5.31
C LEU A 145 -14.14 -7.19 -4.59
N ILE A 146 -15.21 -7.92 -4.31
CA ILE A 146 -16.32 -7.34 -3.58
C ILE A 146 -15.91 -6.90 -2.17
N ALA A 147 -15.09 -7.71 -1.50
CA ALA A 147 -14.56 -7.30 -0.21
C ALA A 147 -13.84 -5.95 -0.30
N SER A 148 -13.04 -5.77 -1.37
CA SER A 148 -12.35 -4.49 -1.54
C SER A 148 -13.33 -3.32 -1.67
N LEU A 149 -14.44 -3.55 -2.38
CA LEU A 149 -15.46 -2.52 -2.58
C LEU A 149 -16.21 -2.21 -1.28
N ILE A 150 -16.45 -3.23 -0.44
CA ILE A 150 -17.05 -2.99 0.86
C ILE A 150 -16.09 -2.20 1.76
N GLU A 151 -14.81 -2.52 1.72
CA GLU A 151 -13.82 -1.76 2.48
C GLU A 151 -13.87 -0.28 2.10
N ILE A 152 -13.90 0.03 0.80
CA ILE A 152 -13.94 1.42 0.37
C ILE A 152 -15.28 2.08 0.73
N HIS A 153 -16.38 1.46 0.33
CA HIS A 153 -17.65 2.16 0.27
C HIS A 153 -18.55 1.94 1.47
N GLY A 154 -18.28 0.91 2.28
CA GLY A 154 -19.19 0.48 3.30
C GLY A 154 -20.30 -0.38 2.73
N MET A 155 -21.00 -1.10 3.61
CA MET A 155 -21.99 -2.07 3.13
CA MET A 155 -21.98 -2.07 3.13
C MET A 155 -23.15 -1.43 2.36
N SER A 156 -23.67 -0.31 2.85
CA SER A 156 -24.82 0.32 2.17
C SER A 156 -24.50 0.76 0.76
N ASP A 157 -23.44 1.54 0.60
CA ASP A 157 -23.04 2.04 -0.72
C ASP A 157 -22.58 0.85 -1.61
N ALA A 158 -21.87 -0.13 -1.05
CA ALA A 158 -21.47 -1.28 -1.85
C ALA A 158 -22.68 -2.10 -2.31
N GLU A 159 -23.70 -2.22 -1.47
CA GLU A 159 -24.91 -2.92 -1.87
C GLU A 159 -25.62 -2.21 -3.01
N GLY A 160 -25.68 -0.89 -2.98
CA GLY A 160 -26.25 -0.12 -4.08
C GLY A 160 -25.51 -0.37 -5.38
N TRP A 161 -24.18 -0.39 -5.31
CA TRP A 161 -23.35 -0.73 -6.48
C TRP A 161 -23.67 -2.14 -6.98
N ALA A 162 -23.70 -3.10 -6.05
CA ALA A 162 -23.85 -4.48 -6.43
C ALA A 162 -25.22 -4.77 -7.05
N LYS A 163 -26.24 -4.07 -6.54
CA LYS A 163 -27.60 -4.14 -7.10
CA LYS A 163 -27.60 -4.25 -7.17
C LYS A 163 -27.69 -3.68 -8.61
N GLY A 164 -26.90 -2.65 -8.90
CA GLY A 164 -26.82 -2.18 -10.29
C GLY A 164 -25.98 -3.09 -11.14
N PHE A 165 -24.85 -3.57 -10.59
CA PHE A 165 -23.97 -4.49 -11.30
C PHE A 165 -24.69 -5.77 -11.71
N VAL A 166 -25.34 -6.40 -10.74
CA VAL A 166 -26.08 -7.64 -11.01
C VAL A 166 -27.20 -7.42 -12.04
N ARG A 167 -27.87 -6.27 -11.95
N ARG A 167 -27.87 -6.27 -11.96
CA ARG A 167 -28.90 -5.90 -12.92
CA ARG A 167 -28.91 -5.93 -12.91
C ARG A 167 -28.37 -5.87 -14.35
C ARG A 167 -28.37 -5.88 -14.35
N ASN A 168 -27.07 -5.66 -14.51
CA ASN A 168 -26.43 -5.55 -15.80
C ASN A 168 -25.92 -6.90 -16.37
N PHE A 169 -26.13 -8.00 -15.67
CA PHE A 169 -25.63 -9.28 -16.18
C PHE A 169 -26.36 -9.67 -17.47
N ALA A 170 -25.59 -10.07 -18.49
CA ALA A 170 -26.14 -10.53 -19.76
C ALA A 170 -26.78 -11.91 -19.65
N ARG A 171 -26.29 -12.73 -18.74
CA ARG A 171 -26.75 -14.08 -18.52
C ARG A 171 -26.46 -14.43 -17.06
N PRO A 172 -27.10 -15.47 -16.53
CA PRO A 172 -26.73 -15.89 -15.17
C PRO A 172 -25.27 -16.33 -15.16
N PRO A 173 -24.54 -16.03 -14.08
CA PRO A 173 -23.15 -16.49 -13.98
C PRO A 173 -23.00 -17.96 -14.36
N GLU A 174 -22.08 -18.23 -15.27
CA GLU A 174 -21.89 -19.56 -15.85
C GLU A 174 -20.43 -19.69 -16.26
N GLY A 175 -19.77 -20.75 -15.79
CA GLY A 175 -18.40 -21.01 -16.21
C GLY A 175 -17.33 -20.28 -15.41
N ASN A 176 -16.07 -20.52 -15.78
CA ASN A 176 -14.92 -19.95 -15.09
C ASN A 176 -14.48 -18.63 -15.74
N ASP A 177 -13.32 -18.10 -15.34
CA ASP A 177 -12.91 -16.80 -15.88
C ASP A 177 -12.68 -16.87 -17.39
N THR A 178 -12.04 -17.96 -17.84
CA THR A 178 -11.80 -18.16 -19.27
C THR A 178 -13.11 -18.18 -20.06
N ALA A 179 -14.14 -18.79 -19.48
CA ALA A 179 -15.45 -18.82 -20.12
C ALA A 179 -16.01 -17.40 -20.28
N GLN A 180 -15.71 -16.50 -19.34
CA GLN A 180 -16.21 -15.12 -19.48
C GLN A 180 -15.48 -14.44 -20.66
N ILE A 181 -14.18 -14.66 -20.77
CA ILE A 181 -13.42 -14.09 -21.87
C ILE A 181 -13.98 -14.59 -23.22
N LYS A 182 -14.25 -15.90 -23.30
CA LYS A 182 -14.80 -16.46 -24.53
C LYS A 182 -16.19 -15.85 -24.83
N ALA A 183 -17.00 -15.62 -23.80
CA ALA A 183 -18.33 -15.04 -23.98
C ALA A 183 -18.24 -13.60 -24.46
N VAL A 184 -17.26 -12.85 -23.97
CA VAL A 184 -17.02 -11.49 -24.47
C VAL A 184 -16.60 -11.50 -25.95
N ALA A 185 -15.68 -12.39 -26.31
CA ALA A 185 -15.25 -12.53 -27.72
C ALA A 185 -16.44 -12.87 -28.61
N ALA A 186 -17.32 -13.75 -28.13
CA ALA A 186 -18.47 -14.26 -28.93
C ALA A 186 -19.66 -13.31 -28.98
N GLY A 187 -19.63 -12.23 -28.22
CA GLY A 187 -20.71 -11.26 -28.23
C GLY A 187 -21.84 -11.54 -27.26
N ILE A 188 -21.70 -12.54 -26.40
CA ILE A 188 -22.71 -12.83 -25.38
C ILE A 188 -22.73 -11.67 -24.37
N GLY A 189 -21.54 -11.17 -24.03
CA GLY A 189 -21.41 -9.93 -23.30
C GLY A 189 -20.50 -9.01 -24.07
N ASP A 190 -20.53 -7.71 -23.74
CA ASP A 190 -19.54 -6.77 -24.28
C ASP A 190 -18.34 -6.62 -23.36
N ILE A 191 -18.54 -6.80 -22.04
CA ILE A 191 -17.47 -6.70 -21.06
C ILE A 191 -17.64 -7.80 -20.05
N GLY A 192 -16.54 -8.11 -19.36
CA GLY A 192 -16.57 -9.04 -18.24
C GLY A 192 -15.46 -8.76 -17.30
N LEU A 193 -15.49 -9.43 -16.13
CA LEU A 193 -14.37 -9.36 -15.19
C LEU A 193 -13.66 -10.70 -15.18
N ALA A 194 -12.33 -10.65 -15.19
CA ALA A 194 -11.51 -11.86 -15.13
C ALA A 194 -10.11 -11.46 -14.68
N ASN A 195 -9.33 -12.46 -14.26
CA ASN A 195 -7.94 -12.19 -13.92
C ASN A 195 -7.09 -12.05 -15.19
N SER A 196 -6.12 -11.15 -15.10
CA SER A 196 -5.23 -10.79 -16.19
C SER A 196 -4.57 -12.00 -16.87
N TYR A 197 -4.10 -12.95 -16.05
CA TYR A 197 -3.34 -14.07 -16.58
C TYR A 197 -4.16 -14.98 -17.46
N TYR A 198 -5.50 -14.95 -17.37
CA TYR A 198 -6.30 -15.82 -18.23
C TYR A 198 -6.29 -15.32 -19.67
N LEU A 199 -6.23 -14.01 -19.89
CA LEU A 199 -6.11 -13.52 -21.25
C LEU A 199 -4.71 -13.83 -21.80
N ALA A 200 -3.69 -13.60 -20.98
CA ALA A 200 -2.33 -13.97 -21.35
C ALA A 200 -2.19 -15.43 -21.74
N ARG A 201 -2.86 -16.29 -20.98
CA ARG A 201 -2.82 -17.73 -21.25
C ARG A 201 -3.34 -18.04 -22.66
N LEU A 202 -4.45 -17.39 -23.06
CA LEU A 202 -4.98 -17.56 -24.40
C LEU A 202 -4.05 -17.05 -25.46
N LYS A 203 -3.44 -15.89 -25.21
N LYS A 203 -3.33 -15.99 -25.19
CA LYS A 203 -2.51 -15.24 -26.16
CA LYS A 203 -2.28 -15.61 -26.14
C LYS A 203 -1.28 -16.08 -26.46
C LYS A 203 -1.24 -16.70 -26.36
N ARG A 204 -0.95 -16.98 -25.52
N ARG A 204 -0.82 -17.41 -25.30
CA ARG A 204 0.12 -17.98 -25.71
CA ARG A 204 0.30 -18.36 -25.41
C ARG A 204 -0.28 -19.44 -26.11
C ARG A 204 -0.13 -19.76 -25.81
N SER A 205 -1.54 -19.85 -25.98
N SER A 205 -1.39 -19.91 -26.15
CA SER A 205 -1.99 -21.25 -26.18
CA SER A 205 -1.94 -21.23 -26.37
C SER A 205 -1.48 -21.95 -27.44
C SER A 205 -1.36 -22.02 -27.54
N SER A 206 -1.41 -23.28 -27.39
N SER A 206 -1.00 -21.30 -28.62
CA SER A 206 -1.10 -24.09 -28.55
CA SER A 206 -0.54 -21.79 -29.96
C SER A 206 -2.27 -24.18 -29.54
C SER A 206 -1.74 -22.16 -30.86
N LYS A 207 -3.46 -23.78 -29.11
N LYS A 207 -2.84 -22.53 -30.21
CA LYS A 207 -4.63 -23.84 -29.98
CA LYS A 207 -4.06 -22.93 -30.87
C LYS A 207 -4.86 -22.57 -30.75
C LYS A 207 -4.64 -21.73 -31.54
N PRO A 208 -4.93 -22.65 -32.09
N PRO A 208 -4.96 -21.88 -32.80
CA PRO A 208 -5.17 -21.43 -32.88
CA PRO A 208 -5.49 -20.74 -33.52
C PRO A 208 -6.46 -20.68 -32.51
C PRO A 208 -6.80 -20.28 -32.91
N GLU A 209 -7.50 -21.43 -32.18
N GLU A 209 -7.56 -21.18 -32.32
CA GLU A 209 -8.80 -20.91 -31.77
CA GLU A 209 -8.86 -20.84 -31.77
C GLU A 209 -8.68 -20.01 -30.53
C GLU A 209 -8.70 -19.98 -30.51
N ASP A 210 -7.77 -20.37 -29.64
CA ASP A 210 -7.49 -19.58 -28.43
C ASP A 210 -6.87 -18.23 -28.83
N GLN A 211 -5.94 -18.22 -29.78
CA GLN A 211 -5.36 -16.98 -30.28
C GLN A 211 -6.45 -16.06 -30.89
N ALA A 212 -7.43 -16.65 -31.58
CA ALA A 212 -8.51 -15.87 -32.21
C ALA A 212 -9.39 -15.21 -31.17
N VAL A 213 -9.70 -15.91 -30.09
CA VAL A 213 -10.42 -15.33 -28.96
C VAL A 213 -9.61 -14.18 -28.39
N ALA A 214 -8.33 -14.43 -28.13
CA ALA A 214 -7.50 -13.42 -27.50
C ALA A 214 -7.38 -12.13 -28.29
N ASP A 215 -7.34 -12.26 -29.62
CA ASP A 215 -7.24 -11.10 -30.48
C ASP A 215 -8.49 -10.21 -30.48
N LYS A 216 -9.63 -10.78 -30.08
CA LYS A 216 -10.92 -10.08 -30.02
C LYS A 216 -11.20 -9.38 -28.69
N VAL A 217 -10.38 -9.63 -27.67
CA VAL A 217 -10.64 -9.16 -26.31
C VAL A 217 -9.47 -8.35 -25.79
N GLY A 218 -9.76 -7.15 -25.31
CA GLY A 218 -8.77 -6.30 -24.68
C GLY A 218 -8.85 -6.39 -23.17
N MET A 219 -7.81 -5.90 -22.54
CA MET A 219 -7.70 -5.83 -21.08
CA MET A 219 -7.68 -5.84 -21.08
C MET A 219 -7.60 -4.39 -20.65
N PHE A 220 -8.47 -3.97 -19.73
CA PHE A 220 -8.50 -2.61 -19.21
C PHE A 220 -8.26 -2.65 -17.69
N PHE A 221 -7.28 -1.90 -17.23
CA PHE A 221 -6.92 -1.82 -15.81
C PHE A 221 -7.72 -0.69 -15.17
N PRO A 222 -8.71 -0.99 -14.29
CA PRO A 222 -9.60 0.06 -13.87
C PRO A 222 -9.02 0.97 -12.79
N ASN A 223 -9.68 2.12 -12.64
CA ASN A 223 -9.43 3.07 -11.55
C ASN A 223 -8.02 3.71 -11.61
N GLN A 224 -7.48 3.86 -12.83
CA GLN A 224 -6.16 4.46 -13.00
C GLN A 224 -6.07 5.91 -12.61
N ASN A 225 -7.17 6.64 -12.71
CA ASN A 225 -7.19 8.04 -12.35
C ASN A 225 -7.57 8.26 -10.91
N GLY A 226 -7.75 7.17 -10.16
CA GLY A 226 -8.09 7.20 -8.74
C GLY A 226 -7.18 6.28 -7.98
N ARG A 227 -7.76 5.32 -7.26
CA ARG A 227 -7.00 4.53 -6.30
C ARG A 227 -6.13 3.45 -6.92
N GLY A 228 -6.37 3.08 -8.18
CA GLY A 228 -5.64 2.04 -8.82
C GLY A 228 -6.39 0.74 -8.95
N THR A 229 -5.81 -0.20 -9.68
CA THR A 229 -6.41 -1.47 -10.00
C THR A 229 -6.34 -2.44 -8.81
N HIS A 230 -7.36 -3.29 -8.68
CA HIS A 230 -7.39 -4.36 -7.68
C HIS A 230 -6.41 -5.47 -8.10
N VAL A 231 -5.40 -5.67 -7.25
CA VAL A 231 -4.44 -6.72 -7.42
C VAL A 231 -4.56 -7.73 -6.31
N ASN A 232 -4.16 -8.94 -6.62
CA ASN A 232 -4.22 -10.04 -5.64
C ASN A 232 -3.00 -10.93 -5.88
N ILE A 233 -2.84 -11.98 -5.06
CA ILE A 233 -1.57 -12.69 -5.02
C ILE A 233 -1.73 -14.20 -5.13
N SER A 234 -0.65 -14.81 -5.64
CA SER A 234 -0.28 -16.19 -5.35
C SER A 234 0.73 -16.11 -4.21
N GLY A 235 0.55 -16.89 -3.15
CA GLY A 235 1.44 -16.71 -2.00
C GLY A 235 1.49 -17.88 -1.07
N GLY A 236 2.17 -17.66 0.03
CA GLY A 236 2.34 -18.74 1.00
C GLY A 236 2.96 -18.31 2.29
N GLY A 237 3.11 -19.30 3.16
CA GLY A 237 3.68 -19.06 4.48
C GLY A 237 4.28 -20.33 5.06
N VAL A 238 4.98 -20.15 6.18
CA VAL A 238 5.55 -21.27 6.95
C VAL A 238 4.47 -21.84 7.85
N VAL A 239 4.34 -23.16 7.81
CA VAL A 239 3.31 -23.85 8.59
C VAL A 239 3.65 -23.88 10.08
N LYS A 240 2.61 -23.83 10.93
CA LYS A 240 2.75 -23.73 12.37
C LYS A 240 3.68 -24.77 12.95
N ASN A 241 3.53 -26.01 12.55
CA ASN A 241 4.41 -27.00 13.21
C ASN A 241 5.53 -27.50 12.32
N ALA A 242 5.98 -26.65 11.38
CA ALA A 242 6.95 -27.05 10.40
C ALA A 242 8.10 -27.85 11.02
N PRO A 243 8.34 -29.06 10.52
CA PRO A 243 9.49 -29.81 11.03
C PRO A 243 10.86 -29.23 10.66
N ASN A 244 10.90 -28.46 9.57
CA ASN A 244 12.14 -27.80 9.13
C ASN A 244 11.85 -26.32 8.89
N LYS A 245 11.69 -25.59 9.99
CA LYS A 245 11.40 -24.17 9.92
C LYS A 245 12.49 -23.38 9.20
N GLU A 246 13.73 -23.70 9.50
CA GLU A 246 14.86 -23.02 8.88
C GLU A 246 14.88 -23.15 7.32
N GLY A 247 14.59 -24.39 6.90
CA GLY A 247 14.52 -24.68 5.48
C GLY A 247 13.31 -24.02 4.84
N ALA A 248 12.20 -23.96 5.57
CA ALA A 248 10.98 -23.30 5.06
C ALA A 248 11.24 -21.82 4.81
N ILE A 249 11.93 -21.17 5.75
CA ILE A 249 12.28 -19.74 5.60
C ILE A 249 13.21 -19.58 4.40
N LYS A 250 14.21 -20.47 4.26
CA LYS A 250 15.12 -20.39 3.09
C LYS A 250 14.34 -20.48 1.79
N PHE A 251 13.33 -21.33 1.75
CA PHE A 251 12.54 -21.45 0.53
C PHE A 251 11.78 -20.18 0.21
N LEU A 252 11.09 -19.60 1.19
CA LEU A 252 10.40 -18.33 0.94
C LEU A 252 11.36 -17.25 0.47
N GLU A 253 12.52 -17.16 1.12
CA GLU A 253 13.50 -16.15 0.72
C GLU A 253 14.00 -16.41 -0.70
N TYR A 254 14.24 -17.67 -1.06
CA TYR A 254 14.64 -17.99 -2.42
C TYR A 254 13.60 -17.51 -3.44
N LEU A 255 12.32 -17.63 -3.10
CA LEU A 255 11.27 -17.24 -4.04
C LEU A 255 11.27 -15.77 -4.43
N VAL A 256 11.88 -14.89 -3.62
CA VAL A 256 11.96 -13.48 -4.00
C VAL A 256 13.20 -13.14 -4.80
N SER A 257 14.09 -14.11 -5.02
CA SER A 257 15.24 -13.84 -5.87
C SER A 257 14.79 -13.52 -7.31
N PRO A 258 15.59 -12.77 -8.07
CA PRO A 258 15.15 -12.44 -9.43
C PRO A 258 14.88 -13.66 -10.30
N GLU A 259 15.77 -14.64 -10.19
CA GLU A 259 15.57 -15.84 -11.03
C GLU A 259 14.26 -16.63 -10.69
N ALA A 260 14.01 -16.78 -9.38
CA ALA A 260 12.81 -17.46 -8.94
C ALA A 260 11.57 -16.65 -9.27
N GLN A 261 11.66 -15.33 -9.12
CA GLN A 261 10.53 -14.48 -9.45
C GLN A 261 10.12 -14.64 -10.91
N LYS A 262 11.10 -14.70 -11.79
CA LYS A 262 10.81 -14.91 -13.21
C LYS A 262 10.12 -16.26 -13.43
N ILE A 263 10.70 -17.33 -12.93
CA ILE A 263 10.17 -18.66 -13.21
C ILE A 263 8.77 -18.81 -12.60
N PHE A 264 8.61 -18.38 -11.35
CA PHE A 264 7.35 -18.59 -10.67
C PHE A 264 6.25 -17.75 -11.29
N SER A 265 6.52 -16.48 -11.58
CA SER A 265 5.48 -15.62 -12.14
CA SER A 265 5.48 -15.61 -12.15
C SER A 265 5.12 -16.06 -13.56
N GLU A 266 6.13 -16.32 -14.37
CA GLU A 266 5.90 -16.66 -15.76
C GLU A 266 5.21 -17.99 -15.93
N GLY A 267 5.33 -18.89 -14.95
CA GLY A 267 4.70 -20.19 -15.01
C GLY A 267 3.17 -20.09 -15.11
N ASN A 268 2.58 -19.02 -14.59
CA ASN A 268 1.16 -18.77 -14.76
C ASN A 268 0.85 -17.41 -15.38
N ASN A 269 1.79 -16.83 -16.11
CA ASN A 269 1.55 -15.55 -16.75
C ASN A 269 1.10 -14.46 -15.78
N GLU A 270 1.67 -14.50 -14.56
CA GLU A 270 1.46 -13.50 -13.52
C GLU A 270 2.61 -12.48 -13.53
N TYR A 271 2.42 -11.40 -12.79
CA TYR A 271 3.46 -10.40 -12.60
C TYR A 271 4.32 -10.78 -11.42
N PRO A 272 5.62 -10.42 -11.44
CA PRO A 272 6.43 -10.54 -10.23
C PRO A 272 5.93 -9.60 -9.16
N VAL A 273 6.22 -9.93 -7.89
CA VAL A 273 6.01 -8.96 -6.81
C VAL A 273 7.23 -8.07 -6.57
N VAL A 274 8.43 -8.53 -6.97
CA VAL A 274 9.66 -7.83 -6.64
C VAL A 274 9.98 -6.75 -7.67
N ALA A 275 10.22 -5.55 -7.16
CA ALA A 275 10.57 -4.42 -8.00
C ALA A 275 11.82 -4.73 -8.84
N GLY A 276 11.76 -4.36 -10.11
CA GLY A 276 12.92 -4.50 -10.99
C GLY A 276 12.99 -5.81 -11.74
N VAL A 277 12.21 -6.82 -11.35
CA VAL A 277 12.22 -8.06 -12.10
C VAL A 277 11.47 -7.81 -13.42
N PRO A 278 12.07 -8.15 -14.56
CA PRO A 278 11.39 -7.95 -15.83
C PRO A 278 10.05 -8.71 -15.91
N ILE A 279 9.12 -8.10 -16.64
CA ILE A 279 7.78 -8.58 -16.85
C ILE A 279 7.75 -9.58 -18.01
N ALA A 280 6.90 -10.62 -17.92
CA ALA A 280 6.74 -11.58 -19.02
C ALA A 280 6.45 -10.90 -20.35
N SER A 281 7.02 -11.44 -21.42
CA SER A 281 6.82 -10.85 -22.74
CA SER A 281 6.82 -10.88 -22.75
C SER A 281 5.34 -10.72 -23.12
N VAL A 282 4.52 -11.71 -22.75
CA VAL A 282 3.10 -11.69 -23.09
C VAL A 282 2.35 -10.56 -22.38
N LEU A 283 2.84 -10.13 -21.20
CA LEU A 283 2.19 -9.05 -20.46
C LEU A 283 2.63 -7.65 -20.90
N LYS A 284 3.81 -7.51 -21.48
CA LYS A 284 4.32 -6.18 -21.85
C LYS A 284 3.38 -5.37 -22.76
N PRO A 285 2.71 -5.99 -23.75
CA PRO A 285 1.85 -5.16 -24.62
C PRO A 285 0.71 -4.46 -23.92
N PHE A 286 0.30 -4.98 -22.77
CA PHE A 286 -0.77 -4.35 -22.02
C PHE A 286 -0.34 -3.14 -21.21
N GLY A 287 0.97 -3.01 -21.00
CA GLY A 287 1.55 -1.83 -20.32
C GLY A 287 1.47 -1.93 -18.82
N SER A 288 2.21 -1.05 -18.17
N SER A 288 2.27 -1.07 -18.15
CA SER A 288 2.16 -0.97 -16.72
CA SER A 288 2.24 -0.98 -16.69
C SER A 288 0.89 -0.25 -16.28
C SER A 288 0.96 -0.25 -16.27
N PHE A 289 0.59 -0.37 -15.00
CA PHE A 289 -0.64 0.18 -14.47
C PHE A 289 -0.50 0.42 -12.98
N LYS A 290 -1.21 1.43 -12.51
CA LYS A 290 -1.23 1.77 -11.09
C LYS A 290 -1.96 0.68 -10.31
N ASN A 291 -1.27 0.18 -9.28
CA ASN A 291 -1.82 -0.81 -8.36
C ASN A 291 -2.41 -0.07 -7.14
N ASP A 292 -3.60 -0.49 -6.70
CA ASP A 292 -4.11 -0.03 -5.40
C ASP A 292 -3.13 -0.42 -4.28
N SER A 293 -2.89 0.46 -3.32
CA SER A 293 -2.01 0.15 -2.18
C SER A 293 -2.70 -0.54 -1.02
N THR A 294 -3.99 -0.84 -1.14
CA THR A 294 -4.70 -1.55 -0.07
C THR A 294 -3.99 -2.86 0.29
N ASN A 295 -3.87 -3.15 1.59
CA ASN A 295 -3.27 -4.40 1.97
C ASN A 295 -4.24 -5.53 1.63
N VAL A 296 -3.73 -6.55 0.94
CA VAL A 296 -4.60 -7.62 0.42
C VAL A 296 -5.24 -8.46 1.53
N SER A 297 -4.72 -8.39 2.77
CA SER A 297 -5.40 -9.06 3.89
C SER A 297 -6.83 -8.57 4.09
N VAL A 298 -7.13 -7.33 3.70
CA VAL A 298 -8.50 -6.80 3.78
C VAL A 298 -9.48 -7.72 3.06
N TYR A 299 -9.02 -8.34 1.97
CA TYR A 299 -9.89 -9.20 1.14
CA TYR A 299 -9.95 -9.07 1.17
C TYR A 299 -10.39 -10.36 1.92
N GLY A 300 -9.52 -10.91 2.76
CA GLY A 300 -9.90 -11.99 3.67
C GLY A 300 -10.73 -11.52 4.84
N LYS A 301 -10.27 -10.45 5.45
CA LYS A 301 -11.05 -9.86 6.59
C LYS A 301 -12.53 -9.62 6.28
N LEU A 302 -12.79 -9.17 5.04
N LEU A 302 -12.78 -9.14 5.04
CA LEU A 302 -14.17 -8.86 4.64
CA LEU A 302 -14.15 -8.82 4.61
C LEU A 302 -14.79 -9.91 3.72
C LEU A 302 -14.77 -9.90 3.71
N ASN A 303 -14.19 -11.09 3.66
CA ASN A 303 -14.72 -12.17 2.84
C ASN A 303 -16.16 -12.54 3.25
N ALA A 304 -16.41 -12.69 4.54
CA ALA A 304 -17.76 -13.05 5.00
C ALA A 304 -18.78 -11.98 4.61
N ASP A 305 -18.40 -10.72 4.70
CA ASP A 305 -19.28 -9.62 4.32
C ASP A 305 -19.56 -9.64 2.82
N ALA A 306 -18.56 -9.98 2.02
CA ALA A 306 -18.73 -10.13 0.59
C ALA A 306 -19.75 -11.21 0.23
N ILE A 307 -19.63 -12.37 0.87
CA ILE A 307 -20.56 -13.47 0.68
C ILE A 307 -21.99 -13.02 1.03
N LYS A 308 -22.14 -12.37 2.18
CA LYS A 308 -23.45 -11.87 2.60
C LYS A 308 -24.04 -10.89 1.58
N LEU A 309 -23.23 -9.94 1.13
CA LEU A 309 -23.71 -8.95 0.16
C LEU A 309 -24.13 -9.61 -1.14
N MET A 310 -23.30 -10.53 -1.64
CA MET A 310 -23.61 -11.23 -2.89
CA MET A 310 -23.63 -11.18 -2.92
C MET A 310 -24.93 -11.97 -2.82
N ASP A 311 -25.19 -12.61 -1.68
CA ASP A 311 -26.45 -13.29 -1.49
C ASP A 311 -27.61 -12.30 -1.46
N ARG A 312 -27.42 -11.23 -0.71
CA ARG A 312 -28.48 -10.18 -0.63
CA ARG A 312 -28.44 -10.18 -0.61
C ARG A 312 -28.95 -9.61 -1.97
N VAL A 313 -28.01 -9.46 -2.91
CA VAL A 313 -28.36 -8.89 -4.21
C VAL A 313 -28.66 -9.93 -5.29
N GLY A 314 -28.64 -11.20 -4.92
CA GLY A 314 -29.02 -12.26 -5.85
C GLY A 314 -27.95 -12.55 -6.93
N TRP A 315 -26.68 -12.43 -6.59
CA TRP A 315 -25.57 -12.88 -7.44
C TRP A 315 -25.41 -14.37 -7.19
N LYS A 316 -25.84 -15.13 -8.16
CA LYS A 316 -25.92 -16.59 -8.02
CA LYS A 316 -25.97 -16.57 -7.98
C LYS A 316 -24.63 -17.33 -7.64
N LEU A 317 -24.77 -18.27 -6.71
CA LEU A 317 -23.74 -19.28 -6.38
C LEU A 317 -23.52 -20.26 -7.54
N GLU A 318 -22.40 -20.97 -7.53
CA GLU A 318 -22.13 -22.02 -8.53
C GLU A 318 -23.08 -23.19 -8.31
N GLY B 1 -23.93 24.74 14.32
CA GLY B 1 -23.41 25.68 13.27
C GLY B 1 -21.89 25.82 13.13
N ALA B 2 -21.13 24.99 13.84
CA ALA B 2 -19.68 25.15 13.90
C ALA B 2 -19.01 23.83 14.22
N ILE B 3 -17.72 23.77 13.88
CA ILE B 3 -16.85 22.71 14.36
C ILE B 3 -15.66 23.34 15.08
N ASN B 4 -15.15 22.59 16.07
CA ASN B 4 -13.96 23.00 16.81
C ASN B 4 -12.77 22.18 16.34
N LEU B 5 -11.87 22.86 15.62
CA LEU B 5 -10.67 22.26 15.04
C LEU B 5 -9.48 22.53 15.97
N TYR B 6 -8.94 21.45 16.55
CA TYR B 6 -7.71 21.52 17.35
C TYR B 6 -6.57 21.09 16.45
N SER B 7 -5.68 22.00 16.12
CA SER B 7 -4.63 21.70 15.13
C SER B 7 -3.28 22.28 15.47
N SER B 8 -2.22 21.49 15.22
CA SER B 8 -0.82 21.94 15.24
C SER B 8 -0.26 22.26 13.84
N ARG B 9 -1.08 22.06 12.81
CA ARG B 9 -0.67 22.04 11.42
C ARG B 9 -1.27 23.23 10.65
N HIS B 10 -1.85 24.19 11.37
CA HIS B 10 -2.48 25.35 10.75
C HIS B 10 -1.42 26.33 10.29
N TYR B 11 -1.56 26.78 9.05
CA TYR B 11 -0.81 27.93 8.57
C TYR B 11 -1.84 28.98 8.18
N ASP B 12 -1.50 30.26 8.33
CA ASP B 12 -2.49 31.32 8.16
C ASP B 12 -3.22 31.26 6.79
N THR B 13 -2.53 30.73 5.77
CA THR B 13 -3.12 30.44 4.45
C THR B 13 -4.27 29.43 4.43
N ASP B 14 -4.36 28.64 5.49
CA ASP B 14 -5.46 27.70 5.66
C ASP B 14 -6.77 28.43 5.96
N GLN B 15 -6.71 29.72 6.29
CA GLN B 15 -7.96 30.46 6.42
C GLN B 15 -8.82 30.40 5.16
N ALA B 16 -8.23 30.47 3.97
CA ALA B 16 -9.00 30.34 2.71
C ALA B 16 -9.75 29.02 2.63
N LEU B 17 -9.16 27.98 3.20
N LEU B 17 -9.14 27.98 3.17
CA LEU B 17 -9.75 26.66 3.24
CA LEU B 17 -9.72 26.65 3.31
C LEU B 17 -10.96 26.63 4.19
C LEU B 17 -10.97 26.69 4.16
N TYR B 18 -10.81 27.27 5.35
CA TYR B 18 -11.91 27.31 6.32
C TYR B 18 -13.07 28.13 5.75
N ASP B 19 -12.74 29.25 5.09
CA ASP B 19 -13.76 30.11 4.52
C ASP B 19 -14.54 29.41 3.39
N SER B 20 -13.85 28.65 2.55
CA SER B 20 -14.53 27.90 1.50
C SER B 20 -15.41 26.79 2.08
N PHE B 21 -14.90 26.10 3.09
CA PHE B 21 -15.70 25.10 3.78
C PHE B 21 -16.99 25.72 4.32
N THR B 22 -16.90 26.89 4.94
CA THR B 22 -18.08 27.51 5.50
C THR B 22 -19.12 27.89 4.42
N LYS B 23 -18.61 28.40 3.33
CA LYS B 23 -19.48 28.70 2.16
CA LYS B 23 -19.45 28.71 2.17
C LYS B 23 -20.24 27.46 1.62
N LYS B 24 -19.54 26.33 1.62
CA LYS B 24 -20.09 25.10 1.07
C LYS B 24 -21.03 24.39 2.01
N THR B 25 -20.78 24.48 3.32
CA THR B 25 -21.49 23.68 4.32
C THR B 25 -22.31 24.48 5.30
N GLY B 26 -22.05 25.78 5.39
CA GLY B 26 -22.65 26.61 6.43
C GLY B 26 -21.99 26.51 7.79
N LEU B 27 -20.94 25.70 7.95
CA LEU B 27 -20.33 25.49 9.27
C LEU B 27 -19.11 26.38 9.44
N LYS B 28 -19.11 27.14 10.54
CA LYS B 28 -17.94 27.91 10.93
CA LYS B 28 -17.94 27.91 10.93
C LYS B 28 -16.87 26.97 11.49
N VAL B 29 -15.61 27.34 11.27
CA VAL B 29 -14.46 26.63 11.86
C VAL B 29 -13.88 27.49 12.99
N ASN B 30 -13.97 26.95 14.21
CA ASN B 30 -13.33 27.56 15.38
C ASN B 30 -11.98 26.86 15.58
N LEU B 31 -10.90 27.63 15.43
CA LEU B 31 -9.55 27.09 15.47
C LEU B 31 -8.96 27.22 16.86
N ILE B 32 -8.47 26.10 17.38
CA ILE B 32 -7.68 26.04 18.61
C ILE B 32 -6.31 25.50 18.21
N GLU B 33 -5.25 26.29 18.44
CA GLU B 33 -3.89 25.92 18.05
C GLU B 33 -3.08 25.47 19.23
N GLY B 34 -2.12 24.60 18.98
CA GLY B 34 -1.16 24.18 19.99
C GLY B 34 -0.18 23.21 19.36
N LYS B 35 0.88 22.90 20.08
CA LYS B 35 1.78 21.83 19.63
C LYS B 35 1.03 20.49 19.67
N GLY B 36 1.41 19.59 18.77
CA GLY B 36 0.69 18.34 18.60
C GLY B 36 0.56 17.54 19.87
N ASP B 37 1.68 17.31 20.55
CA ASP B 37 1.65 16.47 21.73
C ASP B 37 0.86 17.16 22.85
N LYS B 38 0.99 18.49 22.94
CA LYS B 38 0.25 19.22 23.91
C LYS B 38 -1.28 19.23 23.64
N LEU B 39 -1.70 19.27 22.37
CA LEU B 39 -3.14 19.20 22.06
C LEU B 39 -3.74 17.84 22.48
N ILE B 40 -2.98 16.76 22.33
CA ILE B 40 -3.49 15.46 22.76
C ILE B 40 -3.75 15.51 24.26
N GLU B 41 -2.78 16.06 25.02
CA GLU B 41 -2.95 16.17 26.47
C GLU B 41 -4.12 17.07 26.84
N ARG B 42 -4.28 18.14 26.09
CA ARG B 42 -5.43 19.04 26.31
C ARG B 42 -6.78 18.33 26.10
N ILE B 43 -6.91 17.62 24.98
CA ILE B 43 -8.17 16.91 24.71
C ILE B 43 -8.43 15.84 25.79
N LYS B 44 -7.38 15.12 26.18
CA LYS B 44 -7.52 14.18 27.32
C LYS B 44 -8.07 14.81 28.58
N SER B 45 -7.46 15.93 28.97
CA SER B 45 -7.80 16.62 30.21
C SER B 45 -9.23 17.15 30.15
N GLU B 46 -9.68 17.55 28.97
CA GLU B 46 -11.05 18.06 28.81
C GLU B 46 -12.11 16.95 28.91
N GLY B 47 -11.72 15.71 28.66
CA GLY B 47 -12.55 14.54 28.96
C GLY B 47 -13.82 14.46 28.13
N ALA B 48 -14.87 13.88 28.72
CA ALA B 48 -16.15 13.67 28.03
C ALA B 48 -16.82 14.98 27.60
N ASN B 49 -16.44 16.08 28.25
CA ASN B 49 -16.94 17.42 27.94
C ASN B 49 -16.14 18.20 26.89
N SER B 50 -15.08 17.63 26.32
CA SER B 50 -14.25 18.40 25.41
C SER B 50 -15.06 18.92 24.24
N PRO B 51 -14.89 20.20 23.88
CA PRO B 51 -15.55 20.69 22.65
C PRO B 51 -14.86 20.26 21.34
N ALA B 52 -13.69 19.63 21.40
CA ALA B 52 -12.96 19.30 20.18
C ALA B 52 -13.78 18.38 19.26
N ASP B 53 -13.82 18.75 17.97
CA ASP B 53 -14.47 17.95 16.94
C ASP B 53 -13.47 17.25 16.03
N VAL B 54 -12.44 17.98 15.59
CA VAL B 54 -11.41 17.46 14.70
C VAL B 54 -10.06 17.75 15.33
N PHE B 55 -9.17 16.76 15.29
CA PHE B 55 -7.77 16.89 15.73
C PHE B 55 -6.89 16.72 14.51
N MET B 56 -6.01 17.68 14.26
CA MET B 56 -5.04 17.59 13.17
C MET B 56 -3.63 17.86 13.68
N THR B 57 -2.69 17.09 13.14
CA THR B 57 -1.27 17.24 13.47
C THR B 57 -0.41 16.66 12.36
N VAL B 58 0.89 16.64 12.58
N VAL B 58 0.87 16.57 12.64
CA VAL B 58 1.78 15.98 11.62
CA VAL B 58 1.86 16.04 11.72
C VAL B 58 2.42 14.75 12.24
C VAL B 58 2.56 14.78 12.24
N ASP B 59 2.71 13.83 11.34
CA ASP B 59 3.42 12.57 11.52
C ASP B 59 2.45 11.46 11.99
N ALA B 60 2.41 10.39 11.24
CA ALA B 60 1.59 9.25 11.63
C ALA B 60 1.96 8.75 13.03
N GLY B 61 3.22 8.93 13.46
CA GLY B 61 3.57 8.55 14.83
C GLY B 61 2.76 9.33 15.86
N ARG B 62 2.53 10.61 15.63
CA ARG B 62 1.72 11.46 16.56
CA ARG B 62 1.76 11.39 16.56
C ARG B 62 0.25 11.09 16.46
N LEU B 63 -0.23 10.81 15.24
CA LEU B 63 -1.64 10.41 15.09
C LEU B 63 -1.88 9.08 15.80
N TRP B 64 -0.91 8.16 15.71
CA TRP B 64 -0.99 6.89 16.45
CA TRP B 64 -1.04 6.90 16.43
C TRP B 64 -1.02 7.16 17.96
N ARG B 65 -0.16 8.08 18.41
CA ARG B 65 -0.23 8.45 19.86
CA ARG B 65 -0.18 8.46 19.84
C ARG B 65 -1.61 8.95 20.29
N ALA B 66 -2.24 9.77 19.43
CA ALA B 66 -3.60 10.24 19.74
C ALA B 66 -4.57 9.09 19.79
N GLN B 67 -4.47 8.17 18.84
CA GLN B 67 -5.31 6.98 18.83
C GLN B 67 -5.15 6.18 20.12
N GLU B 68 -3.90 5.97 20.54
CA GLU B 68 -3.65 5.12 21.71
C GLU B 68 -3.90 5.85 23.02
N ALA B 69 -3.99 7.17 22.99
CA ALA B 69 -4.47 7.94 24.13
C ALA B 69 -5.98 7.84 24.30
N GLY B 70 -6.70 7.35 23.28
CA GLY B 70 -8.14 7.16 23.34
C GLY B 70 -8.97 8.35 22.94
N ILE B 71 -8.37 9.31 22.20
CA ILE B 71 -9.09 10.55 21.90
C ILE B 71 -9.75 10.61 20.52
N LEU B 72 -9.73 9.53 19.75
CA LEU B 72 -10.30 9.52 18.40
C LEU B 72 -11.45 8.52 18.29
N GLN B 73 -12.32 8.69 17.30
CA GLN B 73 -13.35 7.71 16.98
C GLN B 73 -13.26 7.34 15.51
N PRO B 74 -13.63 6.10 15.16
CA PRO B 74 -13.48 5.65 13.77
C PRO B 74 -14.56 6.20 12.85
N ILE B 75 -14.21 6.47 11.60
CA ILE B 75 -15.11 7.05 10.61
C ILE B 75 -15.04 6.21 9.34
N SER B 76 -16.23 5.84 8.83
CA SER B 76 -16.32 5.10 7.58
C SER B 76 -16.96 5.98 6.52
N SER B 77 -16.16 6.42 5.56
CA SER B 77 -16.58 7.32 4.49
C SER B 77 -16.06 6.80 3.17
N SER B 78 -16.95 6.60 2.20
CA SER B 78 -16.53 6.26 0.82
CA SER B 78 -16.51 6.24 0.86
C SER B 78 -15.59 7.29 0.26
N THR B 79 -15.90 8.56 0.51
CA THR B 79 -15.05 9.65 0.00
C THR B 79 -13.62 9.57 0.57
N LEU B 80 -13.52 9.47 1.88
CA LEU B 80 -12.19 9.37 2.49
C LEU B 80 -11.45 8.13 2.00
N ASN B 81 -12.13 6.98 1.98
CA ASN B 81 -11.40 5.76 1.66
C ASN B 81 -11.01 5.72 0.19
N ASN B 82 -11.90 6.17 -0.71
CA ASN B 82 -11.56 6.17 -2.14
C ASN B 82 -10.47 7.18 -2.46
N LYS B 83 -10.54 8.38 -1.90
CA LYS B 83 -9.63 9.44 -2.27
C LYS B 83 -8.28 9.39 -1.56
N ILE B 84 -8.24 8.86 -0.34
CA ILE B 84 -6.96 8.78 0.39
C ILE B 84 -6.36 7.40 0.19
N PRO B 85 -5.12 7.33 -0.34
CA PRO B 85 -4.47 6.04 -0.50
C PRO B 85 -4.47 5.23 0.78
N ALA B 86 -4.69 3.91 0.68
CA ALA B 86 -4.85 3.07 1.86
C ALA B 86 -3.64 3.16 2.79
N ASN B 87 -2.44 3.30 2.23
CA ASN B 87 -1.23 3.35 3.05
C ASN B 87 -1.10 4.63 3.86
N LEU B 88 -1.90 5.65 3.55
CA LEU B 88 -1.86 6.94 4.21
C LEU B 88 -3.04 7.18 5.16
N ARG B 89 -3.74 6.10 5.52
CA ARG B 89 -4.84 6.23 6.50
C ARG B 89 -4.76 5.05 7.46
N SER B 90 -5.30 5.27 8.67
CA SER B 90 -5.31 4.24 9.68
C SER B 90 -6.09 3.03 9.22
N PRO B 91 -5.55 1.81 9.39
CA PRO B 91 -6.34 0.61 9.08
C PRO B 91 -7.64 0.51 9.86
N GLU B 92 -7.68 1.13 11.05
N GLU B 92 -7.70 1.15 11.03
CA GLU B 92 -8.85 1.13 11.92
CA GLU B 92 -8.87 1.14 11.89
C GLU B 92 -9.72 2.39 11.73
C GLU B 92 -9.74 2.38 11.70
N LYS B 93 -9.40 3.22 10.74
CA LYS B 93 -10.24 4.36 10.35
C LYS B 93 -10.29 5.44 11.43
N LEU B 94 -9.23 5.51 12.26
CA LEU B 94 -9.17 6.49 13.33
C LEU B 94 -8.59 7.85 12.90
N TRP B 95 -7.83 7.86 11.82
CA TRP B 95 -7.18 9.08 11.33
C TRP B 95 -6.78 8.84 9.89
N PHE B 96 -6.50 9.96 9.25
CA PHE B 96 -6.38 10.01 7.79
C PHE B 96 -5.32 11.04 7.40
N GLY B 97 -4.51 10.71 6.38
CA GLY B 97 -3.59 11.70 5.82
C GLY B 97 -4.25 12.63 4.80
N PHE B 98 -3.89 13.92 4.88
CA PHE B 98 -4.39 14.93 3.95
C PHE B 98 -3.31 15.61 3.14
N SER B 99 -2.06 15.59 3.62
CA SER B 99 -0.91 15.95 2.75
C SER B 99 0.22 15.01 3.12
N LYS B 100 1.24 14.97 2.26
CA LYS B 100 2.29 13.98 2.34
C LYS B 100 3.64 14.67 2.28
N ARG B 101 4.59 14.16 3.07
CA ARG B 101 5.99 14.59 3.07
C ARG B 101 6.86 13.37 2.87
N ALA B 102 8.10 13.60 2.44
CA ALA B 102 9.07 12.51 2.31
C ALA B 102 10.30 12.81 3.15
N ARG B 103 10.86 11.79 3.80
CA ARG B 103 12.11 11.97 4.56
C ARG B 103 13.23 11.50 3.63
N VAL B 104 14.02 12.48 3.19
CA VAL B 104 14.92 12.32 2.05
C VAL B 104 16.36 12.58 2.45
N ILE B 105 17.25 12.22 1.52
CA ILE B 105 18.68 12.57 1.67
C ILE B 105 18.91 13.94 1.03
N MET B 106 19.34 14.88 1.84
CA MET B 106 19.76 16.21 1.40
C MET B 106 21.27 16.11 1.18
N TYR B 107 21.78 16.57 0.03
CA TYR B 107 23.21 16.38 -0.27
C TYR B 107 23.82 17.69 -0.77
N ASN B 108 25.09 17.88 -0.43
CA ASN B 108 25.85 19.02 -0.90
C ASN B 108 26.20 18.78 -2.38
N LYS B 109 25.73 19.67 -3.25
CA LYS B 109 25.88 19.46 -4.69
C LYS B 109 27.34 19.47 -5.16
N ASN B 110 28.19 20.18 -4.43
CA ASN B 110 29.61 20.24 -4.78
C ASN B 110 30.39 18.98 -4.35
N LYS B 111 29.97 18.38 -3.24
CA LYS B 111 30.69 17.25 -2.69
C LYS B 111 30.14 15.88 -3.08
N VAL B 112 28.85 15.82 -3.42
CA VAL B 112 28.16 14.54 -3.63
C VAL B 112 27.38 14.56 -4.95
N GLN B 113 27.62 13.59 -5.80
CA GLN B 113 26.80 13.38 -6.99
C GLN B 113 25.69 12.41 -6.64
N PRO B 114 24.48 12.61 -7.22
CA PRO B 114 23.39 11.67 -6.87
C PRO B 114 23.66 10.21 -7.19
N SER B 115 24.56 9.96 -8.15
CA SER B 115 25.03 8.61 -8.43
C SER B 115 25.66 7.90 -7.23
N GLU B 116 26.11 8.65 -6.24
CA GLU B 116 26.71 8.08 -5.03
C GLU B 116 25.65 7.63 -4.02
N LEU B 117 24.39 7.97 -4.26
CA LEU B 117 23.30 7.72 -3.32
C LEU B 117 22.44 6.57 -3.84
N SER B 118 21.76 5.89 -2.93
CA SER B 118 20.91 4.78 -3.32
C SER B 118 19.78 4.59 -2.30
N THR B 119 20.12 4.07 -1.12
CA THR B 119 19.15 3.62 -0.14
C THR B 119 19.43 4.23 1.23
N TYR B 120 18.45 4.14 2.13
CA TYR B 120 18.70 4.44 3.53
C TYR B 120 19.75 3.49 4.10
N GLU B 121 19.69 2.23 3.71
CA GLU B 121 20.57 1.20 4.25
C GLU B 121 22.04 1.53 3.97
N ASP B 122 22.31 2.11 2.79
CA ASP B 122 23.67 2.43 2.38
C ASP B 122 24.30 3.51 3.25
N LEU B 123 23.49 4.26 4.00
CA LEU B 123 24.02 5.32 4.87
C LEU B 123 24.83 4.79 6.03
N ALA B 124 24.76 3.49 6.30
CA ALA B 124 25.55 2.87 7.35
C ALA B 124 26.93 2.45 6.86
N GLN B 125 27.23 2.57 5.56
CA GLN B 125 28.51 2.15 5.03
C GLN B 125 29.63 3.09 5.49
N ASN B 126 30.83 2.51 5.60
CA ASN B 126 31.98 3.27 6.11
C ASN B 126 32.40 4.44 5.26
N LYS B 127 32.06 4.42 3.98
CA LYS B 127 32.37 5.56 3.11
C LYS B 127 31.77 6.89 3.57
N TRP B 128 30.69 6.85 4.37
CA TRP B 128 30.07 8.05 4.90
C TRP B 128 30.62 8.51 6.24
N LYS B 129 31.72 7.92 6.71
CA LYS B 129 32.22 8.29 8.02
C LYS B 129 32.58 9.78 8.04
N GLY B 130 32.11 10.47 9.09
CA GLY B 130 32.39 11.88 9.26
C GLY B 130 31.55 12.80 8.40
N LYS B 131 30.54 12.27 7.71
CA LYS B 131 29.87 13.03 6.64
C LYS B 131 28.38 13.28 6.85
N ILE B 132 27.75 12.67 7.86
CA ILE B 132 26.30 12.73 7.96
C ILE B 132 25.88 13.70 9.06
N VAL B 133 24.89 14.56 8.78
CA VAL B 133 24.24 15.36 9.79
C VAL B 133 22.76 14.98 9.88
N ILE B 134 22.28 14.88 11.11
CA ILE B 134 20.87 14.58 11.39
C ILE B 134 20.54 15.08 12.79
N ARG B 135 19.27 15.44 12.99
CA ARG B 135 18.82 15.91 14.28
C ARG B 135 18.64 14.77 15.28
N SER B 136 18.31 15.16 16.50
CA SER B 136 18.25 14.25 17.64
C SER B 136 17.21 13.14 17.48
N SER B 137 17.38 12.14 18.34
CA SER B 137 16.44 11.02 18.41
C SER B 137 15.13 11.35 19.10
N SER B 138 14.99 12.55 19.67
CA SER B 138 13.72 13.01 20.26
C SER B 138 12.69 13.34 19.21
N ASN B 139 13.12 13.53 17.97
CA ASN B 139 12.25 14.02 16.92
C ASN B 139 11.39 12.88 16.32
N ILE B 140 10.11 13.17 16.17
CA ILE B 140 9.16 12.16 15.69
C ILE B 140 9.47 11.72 14.25
N TYR B 141 9.98 12.61 13.40
CA TYR B 141 10.27 12.23 12.01
C TYR B 141 11.31 11.12 11.99
N ASN B 142 12.36 11.29 12.79
CA ASN B 142 13.39 10.27 12.91
C ASN B 142 12.88 8.98 13.54
N GLN B 143 12.07 9.11 14.60
CA GLN B 143 11.52 7.93 15.20
C GLN B 143 10.68 7.12 14.20
N SER B 144 9.89 7.83 13.38
CA SER B 144 9.10 7.15 12.37
C SER B 144 9.93 6.46 11.30
N LEU B 145 10.99 7.14 10.84
CA LEU B 145 11.87 6.50 9.89
C LEU B 145 12.54 5.26 10.46
N ILE B 146 13.05 5.36 11.68
CA ILE B 146 13.67 4.18 12.30
C ILE B 146 12.65 3.06 12.56
N ALA B 147 11.42 3.43 12.94
CA ALA B 147 10.38 2.42 13.08
C ALA B 147 10.19 1.67 11.76
N SER B 148 10.20 2.40 10.64
CA SER B 148 10.05 1.72 9.36
C SER B 148 11.19 0.73 9.07
N LEU B 149 12.39 1.09 9.49
CA LEU B 149 13.55 0.22 9.32
C LEU B 149 13.47 -1.01 10.22
N ILE B 150 12.97 -0.87 11.44
CA ILE B 150 12.75 -2.00 12.32
C ILE B 150 11.69 -2.92 11.73
N GLU B 151 10.61 -2.36 11.19
CA GLU B 151 9.58 -3.17 10.56
C GLU B 151 10.17 -4.02 9.42
N ILE B 152 11.00 -3.43 8.58
CA ILE B 152 11.60 -4.19 7.47
C ILE B 152 12.60 -5.23 8.01
N HIS B 153 13.57 -4.76 8.80
CA HIS B 153 14.78 -5.55 9.07
C HIS B 153 14.74 -6.38 10.33
N GLY B 154 13.82 -6.05 11.23
CA GLY B 154 13.87 -6.60 12.58
C GLY B 154 14.86 -5.86 13.46
N MET B 155 14.71 -6.01 14.77
CA MET B 155 15.54 -5.26 15.71
CA MET B 155 15.53 -5.25 15.70
C MET B 155 17.03 -5.52 15.56
N SER B 156 17.43 -6.78 15.39
CA SER B 156 18.88 -7.11 15.30
C SER B 156 19.54 -6.47 14.08
N ASP B 157 18.97 -6.70 12.91
CA ASP B 157 19.53 -6.14 11.68
C ASP B 157 19.43 -4.59 11.70
N ALA B 158 18.34 -4.06 12.21
CA ALA B 158 18.20 -2.59 12.27
C ALA B 158 19.22 -1.99 13.22
N GLU B 159 19.51 -2.67 14.33
CA GLU B 159 20.52 -2.20 15.26
C GLU B 159 21.91 -2.18 14.60
N GLY B 160 22.22 -3.20 13.81
CA GLY B 160 23.47 -3.19 13.06
C GLY B 160 23.58 -1.99 12.13
N TRP B 161 22.51 -1.70 11.39
CA TRP B 161 22.43 -0.50 10.55
C TRP B 161 22.65 0.76 11.39
N ALA B 162 21.92 0.85 12.50
CA ALA B 162 21.93 2.09 13.27
C ALA B 162 23.28 2.36 13.91
N LYS B 163 23.99 1.30 14.30
CA LYS B 163 25.34 1.47 14.84
C LYS B 163 26.26 2.10 13.78
N GLY B 164 26.18 1.60 12.54
CA GLY B 164 26.98 2.17 11.48
C GLY B 164 26.59 3.59 11.12
N PHE B 165 25.30 3.84 11.10
CA PHE B 165 24.76 5.18 10.80
C PHE B 165 25.24 6.21 11.82
N VAL B 166 25.08 5.89 13.09
CA VAL B 166 25.51 6.80 14.16
C VAL B 166 27.03 7.01 14.13
N ARG B 167 27.79 5.95 13.81
CA ARG B 167 29.23 6.06 13.67
CA ARG B 167 29.24 6.06 13.66
C ARG B 167 29.64 7.08 12.59
N ASN B 168 28.75 7.33 11.63
CA ASN B 168 29.01 8.24 10.51
C ASN B 168 28.61 9.70 10.76
N PHE B 169 28.13 10.01 11.98
CA PHE B 169 27.73 11.39 12.25
C PHE B 169 28.92 12.33 12.21
N ALA B 170 28.79 13.46 11.52
CA ALA B 170 29.84 14.48 11.45
C ALA B 170 29.97 15.28 12.74
N ARG B 171 28.85 15.41 13.46
CA ARG B 171 28.78 16.16 14.71
C ARG B 171 27.65 15.56 15.50
N PRO B 172 27.61 15.80 16.83
CA PRO B 172 26.46 15.37 17.58
C PRO B 172 25.18 16.02 17.07
N PRO B 173 24.07 15.27 17.05
CA PRO B 173 22.80 15.86 16.61
C PRO B 173 22.51 17.21 17.27
N GLU B 174 22.26 18.21 16.43
CA GLU B 174 22.08 19.58 16.91
C GLU B 174 21.15 20.30 15.93
N GLY B 175 20.11 20.94 16.46
CA GLY B 175 19.21 21.75 15.67
C GLY B 175 18.12 20.93 15.00
N ASN B 176 17.28 21.63 14.25
CA ASN B 176 16.11 21.05 13.61
C ASN B 176 16.42 20.63 12.17
N ASP B 177 15.40 20.27 11.40
CA ASP B 177 15.67 19.76 10.04
C ASP B 177 16.32 20.85 9.17
N THR B 178 15.83 22.08 9.27
CA THR B 178 16.39 23.17 8.48
C THR B 178 17.85 23.38 8.83
N ALA B 179 18.19 23.24 10.11
CA ALA B 179 19.58 23.36 10.54
C ALA B 179 20.46 22.31 9.86
N GLN B 180 19.94 21.09 9.64
CA GLN B 180 20.75 20.08 8.96
C GLN B 180 21.00 20.49 7.51
N ILE B 181 19.98 21.03 6.84
CA ILE B 181 20.15 21.49 5.45
C ILE B 181 21.25 22.58 5.39
N LYS B 182 21.20 23.52 6.33
CA LYS B 182 22.20 24.58 6.37
C LYS B 182 23.59 24.02 6.61
N ALA B 183 23.70 23.01 7.48
CA ALA B 183 24.98 22.37 7.75
C ALA B 183 25.54 21.63 6.53
N VAL B 184 24.67 20.98 5.77
CA VAL B 184 25.06 20.38 4.52
C VAL B 184 25.56 21.44 3.53
N ALA B 185 24.82 22.54 3.39
CA ALA B 185 25.26 23.64 2.50
C ALA B 185 26.64 24.17 2.88
N ALA B 186 26.86 24.28 4.19
CA ALA B 186 28.11 24.85 4.74
C ALA B 186 29.29 23.92 4.70
N GLY B 187 29.08 22.65 4.41
CA GLY B 187 30.17 21.69 4.38
C GLY B 187 30.46 21.02 5.71
N ILE B 188 29.63 21.26 6.72
CA ILE B 188 29.78 20.58 8.01
C ILE B 188 29.48 19.07 7.84
N GLY B 189 28.47 18.77 7.04
CA GLY B 189 28.23 17.42 6.55
C GLY B 189 28.15 17.44 5.05
N ASP B 190 28.31 16.28 4.42
CA ASP B 190 28.07 16.15 2.99
C ASP B 190 26.64 15.74 2.68
N ILE B 191 26.01 14.99 3.61
CA ILE B 191 24.64 14.56 3.44
C ILE B 191 23.93 14.67 4.78
N GLY B 192 22.62 14.76 4.71
CA GLY B 192 21.78 14.77 5.89
C GLY B 192 20.41 14.20 5.59
N LEU B 193 19.62 13.93 6.63
CA LEU B 193 18.23 13.54 6.46
CA LEU B 193 18.22 13.55 6.44
C LEU B 193 17.33 14.67 6.91
N ALA B 194 16.31 14.98 6.13
CA ALA B 194 15.34 16.00 6.48
C ALA B 194 14.07 15.77 5.66
N ASN B 195 12.97 16.43 6.04
CA ASN B 195 11.75 16.34 5.26
C ASN B 195 11.85 17.25 4.04
N SER B 196 11.25 16.76 2.96
CA SER B 196 11.26 17.41 1.65
C SER B 196 10.84 18.88 1.69
N TYR B 197 9.78 19.18 2.44
CA TYR B 197 9.21 20.51 2.46
C TYR B 197 10.12 21.57 3.05
N TYR B 198 11.13 21.16 3.85
CA TYR B 198 12.04 22.15 4.40
C TYR B 198 12.98 22.71 3.34
N LEU B 199 13.36 21.89 2.34
CA LEU B 199 14.16 22.43 1.25
C LEU B 199 13.33 23.38 0.39
N ALA B 200 12.08 22.97 0.10
CA ALA B 200 11.16 23.82 -0.65
C ALA B 200 10.93 25.17 0.02
N ARG B 201 10.83 25.15 1.36
CA ARG B 201 10.63 26.38 2.12
C ARG B 201 11.79 27.35 1.86
N LEU B 202 13.04 26.84 1.88
CA LEU B 202 14.19 27.70 1.61
C LEU B 202 14.20 28.22 0.18
N LYS B 203 13.80 27.37 -0.79
CA LYS B 203 13.71 27.81 -2.20
C LYS B 203 12.79 29.01 -2.35
N ARG B 204 11.69 29.02 -1.62
CA ARG B 204 10.68 30.07 -1.77
C ARG B 204 10.88 31.29 -0.88
N SER B 205 11.82 31.22 0.04
CA SER B 205 12.02 32.30 1.02
C SER B 205 12.38 33.61 0.34
N SER B 206 11.88 34.70 0.90
CA SER B 206 12.29 36.02 0.46
C SER B 206 13.69 36.41 0.99
N LYS B 207 14.29 35.66 1.89
CA LYS B 207 15.59 35.99 2.39
C LYS B 207 16.66 35.49 1.43
N PRO B 208 17.53 36.38 0.92
CA PRO B 208 18.56 35.91 0.00
C PRO B 208 19.42 34.76 0.56
N GLU B 209 19.74 34.83 1.83
CA GLU B 209 20.59 33.83 2.45
C GLU B 209 19.97 32.39 2.42
N ASP B 210 18.63 32.36 2.57
CA ASP B 210 17.89 31.11 2.47
C ASP B 210 17.93 30.56 1.06
N GLN B 211 17.71 31.41 0.06
CA GLN B 211 17.77 30.97 -1.33
C GLN B 211 19.14 30.46 -1.67
N ALA B 212 20.19 31.10 -1.13
CA ALA B 212 21.56 30.70 -1.42
C ALA B 212 21.84 29.29 -0.83
N VAL B 213 21.38 29.02 0.38
CA VAL B 213 21.48 27.68 0.98
C VAL B 213 20.78 26.66 0.06
N ALA B 214 19.56 26.99 -0.37
CA ALA B 214 18.74 26.04 -1.10
C ALA B 214 19.40 25.68 -2.39
N ASP B 215 20.14 26.61 -2.98
CA ASP B 215 20.78 26.30 -4.24
C ASP B 215 22.01 25.41 -4.11
N LYS B 216 22.55 25.27 -2.90
CA LYS B 216 23.73 24.41 -2.64
C LYS B 216 23.39 22.96 -2.33
N VAL B 217 22.12 22.67 -2.10
CA VAL B 217 21.69 21.38 -1.56
C VAL B 217 20.67 20.76 -2.49
N GLY B 218 20.90 19.50 -2.86
CA GLY B 218 19.97 18.71 -3.63
C GLY B 218 19.16 17.78 -2.74
N MET B 219 18.10 17.21 -3.31
N MET B 219 18.09 17.23 -3.32
CA MET B 219 17.24 16.28 -2.60
CA MET B 219 17.19 16.29 -2.65
C MET B 219 17.20 14.98 -3.39
C MET B 219 17.20 14.97 -3.42
N PHE B 220 17.42 13.85 -2.71
CA PHE B 220 17.46 12.55 -3.28
C PHE B 220 16.43 11.65 -2.59
N PHE B 221 15.57 11.02 -3.39
CA PHE B 221 14.49 10.15 -2.89
C PHE B 221 15.07 8.72 -2.83
N PRO B 222 15.26 8.15 -1.62
CA PRO B 222 15.98 6.88 -1.57
C PRO B 222 15.09 5.68 -1.91
N ASN B 223 15.78 4.59 -2.21
CA ASN B 223 15.19 3.27 -2.35
C ASN B 223 14.26 3.15 -3.57
N GLN B 224 14.54 3.94 -4.62
CA GLN B 224 13.72 3.94 -5.82
C GLN B 224 13.75 2.65 -6.61
N ASN B 225 14.85 1.93 -6.51
CA ASN B 225 14.98 0.66 -7.21
C ASN B 225 14.51 -0.51 -6.37
N GLY B 226 14.01 -0.24 -5.17
CA GLY B 226 13.51 -1.27 -4.28
C GLY B 226 12.13 -0.87 -3.82
N ARG B 227 11.98 -0.75 -2.51
CA ARG B 227 10.65 -0.61 -1.91
C ARG B 227 10.04 0.79 -2.04
N GLY B 228 10.85 1.81 -2.36
CA GLY B 228 10.39 3.17 -2.43
C GLY B 228 10.76 4.02 -1.24
N THR B 229 10.50 5.31 -1.37
CA THR B 229 10.87 6.30 -0.39
C THR B 229 9.90 6.28 0.80
N HIS B 230 10.45 6.56 1.98
CA HIS B 230 9.66 6.74 3.20
C HIS B 230 8.85 8.03 3.14
N VAL B 231 7.54 7.88 3.11
CA VAL B 231 6.62 8.99 3.13
C VAL B 231 5.84 9.00 4.44
N ASN B 232 5.41 10.19 4.82
CA ASN B 232 4.66 10.37 6.05
C ASN B 232 3.62 11.45 5.80
N ILE B 233 2.79 11.76 6.79
CA ILE B 233 1.60 12.55 6.56
C ILE B 233 1.43 13.70 7.53
N SER B 234 0.72 14.73 7.06
CA SER B 234 -0.07 15.64 7.87
C SER B 234 -1.48 15.10 7.85
N GLY B 235 -2.14 14.98 9.00
CA GLY B 235 -3.44 14.33 9.00
C GLY B 235 -4.28 14.65 10.19
N GLY B 236 -5.41 13.92 10.27
CA GLY B 236 -6.30 14.17 11.36
C GLY B 236 -7.41 13.17 11.46
N GLY B 237 -8.22 13.37 12.49
CA GLY B 237 -9.35 12.49 12.75
C GLY B 237 -10.43 13.18 13.54
N VAL B 238 -11.56 12.49 13.66
CA VAL B 238 -12.69 12.97 14.45
C VAL B 238 -12.46 12.56 15.90
N VAL B 239 -12.64 13.53 16.80
CA VAL B 239 -12.40 13.35 18.22
C VAL B 239 -13.52 12.51 18.86
N LYS B 240 -13.14 11.68 19.83
CA LYS B 240 -14.03 10.73 20.48
C LYS B 240 -15.36 11.28 20.93
N ASN B 241 -15.37 12.42 21.59
CA ASN B 241 -16.66 12.96 22.06
C ASN B 241 -17.16 14.14 21.24
N ALA B 242 -16.79 14.21 19.97
CA ALA B 242 -17.08 15.38 19.14
C ALA B 242 -18.52 15.85 19.29
N PRO B 243 -18.75 17.13 19.66
CA PRO B 243 -20.15 17.58 19.79
C PRO B 243 -20.86 17.69 18.45
N ASN B 244 -20.11 17.85 17.35
CA ASN B 244 -20.68 17.93 16.00
C ASN B 244 -19.99 16.91 15.10
N LYS B 245 -20.31 15.65 15.32
CA LYS B 245 -19.69 14.58 14.55
C LYS B 245 -20.00 14.72 13.04
N GLU B 246 -21.23 15.04 12.67
CA GLU B 246 -21.55 15.16 11.26
C GLU B 246 -20.77 16.27 10.58
N GLY B 247 -20.60 17.38 11.27
CA GLY B 247 -19.82 18.48 10.76
C GLY B 247 -18.35 18.12 10.65
N ALA B 248 -17.85 17.39 11.63
CA ALA B 248 -16.46 16.94 11.63
C ALA B 248 -16.18 16.05 10.39
N ILE B 249 -17.10 15.13 10.10
CA ILE B 249 -16.96 14.27 8.92
C ILE B 249 -16.98 15.13 7.64
N LYS B 250 -17.91 16.10 7.58
CA LYS B 250 -17.97 16.97 6.41
C LYS B 250 -16.64 17.69 6.19
N PHE B 251 -16.00 18.10 7.28
CA PHE B 251 -14.72 18.80 7.16
C PHE B 251 -13.64 17.88 6.60
N LEU B 252 -13.52 16.67 7.15
CA LEU B 252 -12.54 15.73 6.61
C LEU B 252 -12.78 15.44 5.15
N GLU B 253 -14.05 15.23 4.79
CA GLU B 253 -14.36 15.00 3.37
C GLU B 253 -14.04 16.17 2.49
N TYR B 254 -14.32 17.39 2.98
CA TYR B 254 -13.93 18.59 2.24
CA TYR B 254 -13.95 18.59 2.24
C TYR B 254 -12.44 18.63 1.93
N LEU B 255 -11.63 18.21 2.90
CA LEU B 255 -10.19 18.28 2.74
C LEU B 255 -9.62 17.44 1.63
N VAL B 256 -10.36 16.43 1.15
CA VAL B 256 -9.88 15.63 0.01
C VAL B 256 -10.37 16.17 -1.33
N SER B 257 -11.18 17.24 -1.34
CA SER B 257 -11.59 17.85 -2.60
C SER B 257 -10.37 18.40 -3.33
N PRO B 258 -10.41 18.51 -4.68
CA PRO B 258 -9.25 19.02 -5.39
C PRO B 258 -8.79 20.40 -4.93
N GLU B 259 -9.74 21.31 -4.69
CA GLU B 259 -9.39 22.69 -4.30
C GLU B 259 -8.74 22.71 -2.94
N ALA B 260 -9.31 21.97 -2.00
CA ALA B 260 -8.75 21.92 -0.65
C ALA B 260 -7.40 21.23 -0.65
N GLN B 261 -7.24 20.16 -1.42
CA GLN B 261 -5.94 19.48 -1.49
C GLN B 261 -4.84 20.41 -1.94
N LYS B 262 -5.13 21.26 -2.92
CA LYS B 262 -4.14 22.24 -3.39
C LYS B 262 -3.79 23.22 -2.28
N ILE B 263 -4.78 23.85 -1.66
CA ILE B 263 -4.50 24.87 -0.64
C ILE B 263 -3.78 24.27 0.56
N PHE B 264 -4.27 23.13 1.03
CA PHE B 264 -3.72 22.53 2.22
C PHE B 264 -2.29 22.05 2.01
N SER B 265 -2.04 21.39 0.89
CA SER B 265 -0.69 20.87 0.61
CA SER B 265 -0.70 20.87 0.63
C SER B 265 0.27 22.02 0.36
N GLU B 266 -0.13 22.99 -0.46
CA GLU B 266 0.76 24.06 -0.83
C GLU B 266 1.08 24.95 0.35
N GLY B 267 0.19 25.03 1.35
CA GLY B 267 0.47 25.84 2.54
C GLY B 267 1.73 25.49 3.30
N ASN B 268 2.18 24.25 3.18
CA ASN B 268 3.45 23.84 3.76
C ASN B 268 4.36 23.15 2.77
N ASN B 269 4.19 23.44 1.47
CA ASN B 269 5.05 22.84 0.45
C ASN B 269 5.11 21.32 0.51
N GLU B 270 3.97 20.71 0.85
CA GLU B 270 3.82 19.27 0.87
C GLU B 270 3.13 18.78 -0.41
N TYR B 271 3.12 17.47 -0.59
CA TYR B 271 2.44 16.85 -1.72
C TYR B 271 0.99 16.58 -1.37
N PRO B 272 0.08 16.63 -2.34
CA PRO B 272 -1.28 16.14 -2.07
C PRO B 272 -1.30 14.65 -1.80
N VAL B 273 -2.34 14.16 -1.14
CA VAL B 273 -2.55 12.71 -1.07
C VAL B 273 -3.44 12.21 -2.19
N VAL B 274 -4.29 13.06 -2.77
CA VAL B 274 -5.30 12.62 -3.72
C VAL B 274 -4.72 12.57 -5.12
N ALA B 275 -4.92 11.43 -5.79
CA ALA B 275 -4.47 11.24 -7.16
C ALA B 275 -5.07 12.29 -8.07
N GLY B 276 -4.25 12.82 -8.97
CA GLY B 276 -4.69 13.76 -9.97
C GLY B 276 -4.57 15.23 -9.59
N VAL B 277 -4.36 15.52 -8.33
CA VAL B 277 -4.20 16.89 -7.91
C VAL B 277 -2.79 17.35 -8.31
N PRO B 278 -2.68 18.48 -9.03
CA PRO B 278 -1.35 18.93 -9.44
C PRO B 278 -0.41 19.21 -8.26
N ILE B 279 0.86 19.02 -8.53
CA ILE B 279 1.93 19.19 -7.57
C ILE B 279 2.37 20.66 -7.52
N ALA B 280 2.76 21.14 -6.33
CA ALA B 280 3.27 22.51 -6.19
C ALA B 280 4.44 22.76 -7.14
N SER B 281 4.48 23.96 -7.71
CA SER B 281 5.55 24.29 -8.65
CA SER B 281 5.54 24.39 -8.61
CA SER B 281 5.59 24.29 -8.63
C SER B 281 6.95 24.15 -8.02
N VAL B 282 7.10 24.47 -6.75
CA VAL B 282 8.39 24.33 -6.08
C VAL B 282 8.87 22.86 -6.00
N LEU B 283 7.94 21.91 -6.00
CA LEU B 283 8.27 20.50 -5.92
C LEU B 283 8.53 19.84 -7.26
N LYS B 284 7.96 20.40 -8.33
CA LYS B 284 8.09 19.78 -9.64
C LYS B 284 9.55 19.55 -10.12
N PRO B 285 10.51 20.46 -9.80
CA PRO B 285 11.86 20.22 -10.28
C PRO B 285 12.51 18.97 -9.77
N PHE B 286 12.04 18.45 -8.65
CA PHE B 286 12.65 17.24 -8.12
CA PHE B 286 12.63 17.26 -8.06
C PHE B 286 12.07 15.98 -8.69
N GLY B 287 10.97 16.10 -9.43
CA GLY B 287 10.38 14.95 -10.11
C GLY B 287 9.52 14.07 -9.22
N SER B 288 8.75 13.20 -9.85
CA SER B 288 7.97 12.16 -9.19
CA SER B 288 7.96 12.22 -9.10
C SER B 288 8.89 11.09 -8.61
N PHE B 289 8.40 10.34 -7.65
CA PHE B 289 9.21 9.29 -7.04
C PHE B 289 8.31 8.20 -6.50
N LYS B 290 8.87 6.99 -6.48
CA LYS B 290 8.15 5.83 -5.94
C LYS B 290 7.99 5.97 -4.43
N ASN B 291 6.76 5.84 -3.96
CA ASN B 291 6.45 5.84 -2.53
C ASN B 291 6.42 4.40 -2.02
N ASP B 292 7.00 4.14 -0.85
CA ASP B 292 6.77 2.86 -0.18
C ASP B 292 5.29 2.68 0.11
N SER B 293 4.78 1.46 -0.07
CA SER B 293 3.36 1.18 0.21
C SER B 293 3.07 0.79 1.66
N THR B 294 4.08 0.77 2.51
CA THR B 294 3.89 0.47 3.93
C THR B 294 2.81 1.36 4.53
N ASN B 295 1.91 0.77 5.34
CA ASN B 295 0.92 1.58 6.01
C ASN B 295 1.60 2.42 7.09
N VAL B 296 1.36 3.72 7.08
CA VAL B 296 2.10 4.62 7.97
C VAL B 296 1.77 4.39 9.46
N SER B 297 0.67 3.71 9.77
CA SER B 297 0.43 3.33 11.15
C SER B 297 1.55 2.50 11.76
N VAL B 298 2.30 1.77 10.94
CA VAL B 298 3.46 1.01 11.43
C VAL B 298 4.41 1.90 12.18
N TYR B 299 4.54 3.14 11.75
CA TYR B 299 5.49 4.09 12.34
CA TYR B 299 5.56 3.97 12.32
C TYR B 299 5.17 4.34 13.78
N GLY B 300 3.87 4.40 14.08
CA GLY B 300 3.43 4.53 15.46
C GLY B 300 3.50 3.25 16.24
N LYS B 301 3.04 2.17 15.63
CA LYS B 301 3.15 0.84 16.31
CA LYS B 301 3.11 0.85 16.26
C LYS B 301 4.54 0.50 16.83
N LEU B 302 5.55 0.89 16.05
CA LEU B 302 6.94 0.61 16.40
CA LEU B 302 6.94 0.60 16.38
C LEU B 302 7.69 1.84 16.93
N ASN B 303 6.96 2.88 17.33
CA ASN B 303 7.60 4.06 17.85
C ASN B 303 8.45 3.76 19.11
N ALA B 304 7.89 3.02 20.05
CA ALA B 304 8.64 2.74 21.27
C ALA B 304 9.89 1.88 20.97
N ASP B 305 9.78 0.95 20.01
CA ASP B 305 10.92 0.15 19.57
C ASP B 305 12.01 1.05 18.97
N ALA B 306 11.62 2.04 18.18
CA ALA B 306 12.57 3.01 17.64
C ALA B 306 13.29 3.78 18.74
N ILE B 307 12.56 4.25 19.74
CA ILE B 307 13.16 4.97 20.86
C ILE B 307 14.18 4.05 21.56
N LYS B 308 13.81 2.80 21.79
CA LYS B 308 14.69 1.83 22.46
C LYS B 308 15.96 1.62 21.64
N LEU B 309 15.81 1.43 20.32
CA LEU B 309 16.97 1.21 19.46
C LEU B 309 17.90 2.43 19.44
N MET B 310 17.32 3.61 19.33
N MET B 310 17.32 3.61 19.32
CA MET B 310 18.12 4.82 19.25
CA MET B 310 18.12 4.83 19.25
C MET B 310 18.92 5.05 20.54
C MET B 310 18.92 5.05 20.54
N ASP B 311 18.33 4.72 21.68
CA ASP B 311 19.03 4.78 22.95
C ASP B 311 20.17 3.76 23.00
N ARG B 312 19.87 2.57 22.55
CA ARG B 312 20.90 1.49 22.55
CA ARG B 312 20.83 1.48 22.55
C ARG B 312 22.16 1.79 21.77
N VAL B 313 22.00 2.51 20.65
CA VAL B 313 23.13 2.83 19.80
C VAL B 313 23.72 4.21 20.08
N GLY B 314 23.21 4.94 21.08
CA GLY B 314 23.79 6.20 21.46
C GLY B 314 23.51 7.35 20.51
N TRP B 315 22.32 7.31 19.90
CA TRP B 315 21.84 8.46 19.10
C TRP B 315 21.22 9.46 20.05
N LYS B 316 21.93 10.55 20.24
CA LYS B 316 21.59 11.50 21.31
C LYS B 316 20.17 12.13 21.23
N LEU B 317 19.59 12.20 22.40
CA LEU B 317 18.36 12.98 22.60
C LEU B 317 18.60 14.46 22.55
N GLU B 318 17.56 15.23 22.32
CA GLU B 318 17.67 16.69 22.39
CA GLU B 318 17.72 16.68 22.40
C GLU B 318 18.00 17.15 23.82
N DAL C . -6.82 -20.91 -10.88
CA DAL C . -5.40 -21.38 -10.93
CB DAL C . -5.19 -22.55 -9.96
C DAL C . -4.41 -20.29 -10.71
O DAL C . -4.86 -19.13 -10.65
OXT DAL C . -3.19 -20.62 -10.58
N DGL D . -6.81 -20.97 -10.87
CA DGL D . -5.40 -21.46 -10.75
C DGL D . -4.42 -20.33 -10.59
O DGL D . -4.81 -19.16 -10.64
CB DGL D . -5.31 -22.48 -9.62
CG DGL D . -4.49 -22.39 -8.53
CD DGL D . -5.45 -22.43 -7.35
OE1 DGL D . -4.95 -22.55 -6.21
OE2 DGL D . -6.67 -22.37 -7.61
OXT DGL D . -3.22 -20.59 -10.42
FE FE E . -6.81 -18.72 -11.29
N DAL F . 6.94 21.06 11.66
CA DAL F . 5.78 21.81 11.08
CB DAL F . 4.71 22.17 12.11
C DAL F . 5.19 21.09 9.93
O DAL F . 4.14 21.52 9.41
OXT DAL F . 5.83 20.09 9.53
N DGL G . 6.84 21.05 11.79
CA DGL G . 5.71 21.78 11.16
C DGL G . 5.15 21.05 9.99
O DGL G . 4.11 21.45 9.44
CB DGL G . 4.63 22.10 12.19
CG DGL G . 3.63 20.97 12.36
CD DGL G . 3.92 20.23 13.64
OE1 DGL G . 5.09 20.24 14.04
OE2 DGL G . 2.98 19.66 14.26
OXT DGL G . 5.74 20.06 9.53
FE FE H . 7.78 19.69 10.13
#